data_3W15
#
_entry.id   3W15
#
_cell.length_a   78.890
_cell.length_b   52.750
_cell.length_c   97.570
_cell.angle_alpha   90.000
_cell.angle_beta   106.590
_cell.angle_gamma   90.000
#
_symmetry.space_group_name_H-M   'P 1 21 1'
#
loop_
_entity.id
_entity.type
_entity.pdbx_description
1 polymer 'Peroxisomal targeting signal 2 receptor'
2 polymer 'Peroxisomal membrane protein PEX21'
3 polymer '3-ketoacyl-CoA thiolase, peroxisomal, Maltose-binding periplasmic protein'
4 non-polymer 'NITRATE ION'
5 non-polymer 'MAGNESIUM ION'
6 water water
#
loop_
_entity_poly.entity_id
_entity_poly.type
_entity_poly.pdbx_seq_one_letter_code
_entity_poly.pdbx_strand_id
1 'polypeptide(L)'
;GSMLRYHMQGFSGYGVQYSPFFDNRLAVAAGSNFGLVGNGKLFILEIDRSGRIVEVNSFLTQDCLFDLAWNESHENQVLV
AQGDGTLRLFDTTFKEFPIAIFKEHEREVFSCNWNLVNRQNFLSSSWDGSIKIWSPLRKQSLMTLTPRPLEITKMVDPLN
AIILKKKSFTGISKNRNCVYQAQFSPHDQNLVLSCSGNSYASLFDIRLPSGKNQNNFLVHSGLEALTCDFNKYRPYVVAT
GGVDNAIRIWDIRMLNKNPGQLHNSSCINEIPNAHGLAIRKVTWSPHHSNILMSASYDMTCRIWRDLSNDGAKETYKTNS
TDATKGSIFNFTQHSEFVFGADWSLWGKPGYVASTAWDGNLFVWNGLG
;
A
2 'polypeptide(L)'
;GSKWFDQDQSELQRIATDIVKCCTPPPSSASSSSTLSSSVESKLSESKFIQLMRNISSGDVTLKKNADGNSASELFSSNN
GELVGNRHIFVKDEIHKDILD
;
B
3 'polypeptide(L)'
;GSMSQRLQSIKDHLVESRSKIEEGKLVIWINGDKGYNGLAEVGKKFEKDTGIKVTVEHPDKLEEKFPQVAATGDGPDIIF
WAHDRFGGYAQSGLLAEITPDKAFQDKLYPFTWDAVRYNGKLIAYPIAVEALSLIYNKDLLPNPPKTWEEIPALDKELKA
KGKSALMFNLQEPYFTWPLIAADGGYAFKYENGKYDIKDVGVDNAGAKAGLTFLVDLIKNKHMNADTDYSIAEAAFNKGE
TAMTINGPWAWSNIDTSKVNYGVTVLPTFKGQPSKPFVGVLSAGINAASPNKELAKEFLENYLLTDEGLEAVNKDKPLGA
VALKSYEEELAKDPRIAATMENAQKGEIMPNIPQMSAFWYAVRTAVINAASGRQTVDEALKDAQTRITK
;
C
#
loop_
_chem_comp.id
_chem_comp.type
_chem_comp.name
_chem_comp.formula
MG non-polymer 'MAGNESIUM ION' 'Mg 2'
NO3 non-polymer 'NITRATE ION' 'N O3 -1'
#
# COMPACT_ATOMS: atom_id res chain seq x y z
N MET A 3 -11.60 18.52 32.22
CA MET A 3 -11.78 17.15 31.66
C MET A 3 -12.32 16.19 32.73
N LEU A 4 -13.24 15.32 32.34
CA LEU A 4 -13.81 14.31 33.22
C LEU A 4 -12.91 13.08 33.22
N ARG A 5 -12.77 12.43 34.37
CA ARG A 5 -11.81 11.33 34.49
C ARG A 5 -12.24 10.16 35.35
N TYR A 6 -11.73 8.98 35.01
CA TYR A 6 -11.89 7.79 35.86
C TYR A 6 -10.65 6.91 35.78
N HIS A 7 -10.22 6.40 36.92
CA HIS A 7 -9.02 5.57 36.98
C HIS A 7 -9.31 4.10 37.26
N MET A 8 -8.74 3.24 36.41
CA MET A 8 -8.84 1.79 36.54
C MET A 8 -7.52 1.27 37.08
N GLN A 9 -7.48 0.99 38.38
CA GLN A 9 -6.23 0.65 39.07
CA GLN A 9 -6.22 0.66 39.06
C GLN A 9 -5.58 -0.65 38.57
N GLY A 10 -4.39 -0.51 38.00
CA GLY A 10 -3.61 -1.66 37.52
C GLY A 10 -4.00 -2.18 36.15
N PHE A 11 -5.05 -1.60 35.57
CA PHE A 11 -5.53 -2.03 34.25
C PHE A 11 -5.18 -1.02 33.17
N SER A 12 -4.93 -1.51 31.96
CA SER A 12 -4.67 -0.63 30.82
C SER A 12 -5.84 -0.66 29.87
N GLY A 13 -6.30 0.51 29.44
CA GLY A 13 -7.44 0.62 28.54
C GLY A 13 -7.06 0.26 27.11
N TYR A 14 -7.80 -0.67 26.52
CA TYR A 14 -7.61 -1.09 25.12
C TYR A 14 -8.71 -0.61 24.18
N GLY A 15 -9.91 -0.44 24.73
CA GLY A 15 -11.02 0.04 23.92
C GLY A 15 -12.04 0.73 24.79
N VAL A 16 -12.75 1.68 24.20
CA VAL A 16 -13.83 2.40 24.88
C VAL A 16 -14.96 2.64 23.89
N GLN A 17 -16.20 2.52 24.36
CA GLN A 17 -17.35 2.87 23.54
C GLN A 17 -18.51 3.39 24.37
N TYR A 18 -19.13 4.47 23.88
CA TYR A 18 -20.37 4.98 24.45
C TYR A 18 -21.53 4.03 24.15
N SER A 19 -22.43 3.89 25.12
CA SER A 19 -23.67 3.13 24.92
C SER A 19 -24.52 3.80 23.82
N PRO A 20 -25.09 3.00 22.90
CA PRO A 20 -25.97 3.56 21.89
C PRO A 20 -27.38 3.85 22.46
N PHE A 21 -27.61 3.45 23.69
CA PHE A 21 -28.94 3.60 24.32
C PHE A 21 -28.99 4.61 25.47
N PHE A 22 -27.93 4.66 26.27
CA PHE A 22 -27.88 5.55 27.43
C PHE A 22 -26.82 6.64 27.23
N ASP A 23 -27.29 7.89 27.12
CA ASP A 23 -26.43 9.04 26.79
C ASP A 23 -25.25 9.26 27.76
N ASN A 24 -25.37 8.75 28.98
CA ASN A 24 -24.38 8.98 30.01
C ASN A 24 -23.57 7.73 30.38
N ARG A 25 -23.65 6.71 29.54
CA ARG A 25 -23.05 5.41 29.86
C ARG A 25 -21.99 5.02 28.83
N LEU A 26 -20.87 4.52 29.32
CA LEU A 26 -19.86 3.96 28.43
C LEU A 26 -19.20 2.73 29.05
N ALA A 27 -18.48 1.98 28.22
CA ALA A 27 -17.81 0.77 28.66
C ALA A 27 -16.36 0.81 28.21
N VAL A 28 -15.46 0.25 29.02
CA VAL A 28 -14.03 0.17 28.69
C VAL A 28 -13.56 -1.29 28.79
N ALA A 29 -12.81 -1.75 27.79
CA ALA A 29 -12.19 -3.06 27.85
C ALA A 29 -10.74 -2.85 28.22
N ALA A 30 -10.26 -3.63 29.19
CA ALA A 30 -8.96 -3.38 29.79
C ALA A 30 -8.25 -4.68 30.13
N GLY A 31 -6.95 -4.57 30.43
CA GLY A 31 -6.18 -5.72 30.85
C GLY A 31 -5.08 -5.35 31.80
N SER A 32 -4.73 -6.30 32.67
CA SER A 32 -3.63 -6.09 33.61
CA SER A 32 -3.63 -6.14 33.61
C SER A 32 -2.30 -6.13 32.87
N ASN A 33 -1.27 -5.61 33.52
CA ASN A 33 0.10 -5.63 32.99
C ASN A 33 0.17 -5.19 31.53
N PHE A 34 -0.45 -4.04 31.27
CA PHE A 34 -0.50 -3.40 29.95
C PHE A 34 -1.12 -4.26 28.85
N GLY A 35 -1.98 -5.20 29.25
CA GLY A 35 -2.62 -6.15 28.34
C GLY A 35 -1.73 -7.33 27.94
N LEU A 36 -0.58 -7.47 28.59
CA LEU A 36 0.40 -8.48 28.21
C LEU A 36 0.19 -9.83 28.89
N VAL A 37 -0.36 -9.79 30.10
CA VAL A 37 -0.57 -11.00 30.91
C VAL A 37 -1.50 -10.69 32.09
N GLY A 38 -2.33 -11.67 32.46
CA GLY A 38 -3.20 -11.54 33.63
C GLY A 38 -4.65 -11.31 33.25
N ASN A 39 -5.45 -10.91 34.24
CA ASN A 39 -6.88 -10.68 34.04
C ASN A 39 -7.21 -9.59 33.02
N GLY A 40 -8.40 -9.71 32.45
CA GLY A 40 -9.00 -8.59 31.73
C GLY A 40 -10.11 -8.08 32.62
N LYS A 41 -10.63 -6.92 32.26
CA LYS A 41 -11.74 -6.34 33.00
C LYS A 41 -12.55 -5.44 32.12
N LEU A 42 -13.87 -5.64 32.19
CA LEU A 42 -14.84 -4.79 31.52
C LEU A 42 -15.39 -3.85 32.56
N PHE A 43 -15.24 -2.55 32.31
CA PHE A 43 -15.79 -1.53 33.19
C PHE A 43 -17.03 -0.92 32.56
N ILE A 44 -18.12 -0.89 33.33
CA ILE A 44 -19.33 -0.18 32.92
C ILE A 44 -19.40 1.11 33.74
N LEU A 45 -19.32 2.24 33.04
CA LEU A 45 -19.20 3.54 33.70
C LEU A 45 -20.38 4.45 33.38
N GLU A 46 -20.74 5.28 34.36
CA GLU A 46 -21.79 6.29 34.21
C GLU A 46 -21.25 7.68 34.52
N ILE A 47 -21.68 8.67 33.74
CA ILE A 47 -21.37 10.07 34.04
C ILE A 47 -22.63 10.73 34.63
N ASP A 48 -22.53 11.31 35.82
CA ASP A 48 -23.68 12.02 36.42
C ASP A 48 -23.76 13.50 36.01
N ARG A 49 -24.78 14.20 36.52
CA ARG A 49 -25.02 15.61 36.21
C ARG A 49 -23.82 16.51 36.43
N SER A 50 -23.08 16.24 37.52
CA SER A 50 -21.90 17.01 37.92
C SER A 50 -20.71 16.80 36.98
N GLY A 51 -20.68 15.63 36.33
CA GLY A 51 -19.56 15.26 35.48
C GLY A 51 -18.68 14.19 36.09
N ARG A 52 -19.00 13.76 37.31
CA ARG A 52 -18.27 12.67 37.96
C ARG A 52 -18.54 11.35 37.27
N ILE A 53 -17.47 10.65 36.87
CA ILE A 53 -17.60 9.31 36.29
C ILE A 53 -17.58 8.27 37.40
N VAL A 54 -18.59 7.40 37.41
CA VAL A 54 -18.75 6.39 38.45
C VAL A 54 -18.88 5.00 37.84
N GLU A 55 -18.18 4.04 38.42
CA GLU A 55 -18.32 2.63 38.03
C GLU A 55 -19.64 2.12 38.57
N VAL A 56 -20.48 1.60 37.68
CA VAL A 56 -21.77 1.04 38.10
C VAL A 56 -21.78 -0.48 38.05
N ASN A 57 -20.87 -1.04 37.27
CA ASN A 57 -20.63 -2.48 37.24
C ASN A 57 -19.28 -2.77 36.62
N SER A 58 -18.76 -3.96 36.86
CA SER A 58 -17.56 -4.44 36.19
C SER A 58 -17.49 -5.96 36.24
N PHE A 59 -16.74 -6.54 35.30
CA PHE A 59 -16.60 -7.98 35.20
C PHE A 59 -15.13 -8.31 34.99
N LEU A 60 -14.56 -9.06 35.92
CA LEU A 60 -13.21 -9.59 35.75
C LEU A 60 -13.22 -10.81 34.84
N THR A 61 -12.29 -10.83 33.88
CA THR A 61 -12.17 -11.98 32.98
C THR A 61 -10.81 -12.64 33.15
N GLN A 62 -10.73 -13.89 32.70
CA GLN A 62 -9.52 -14.72 32.87
C GLN A 62 -8.29 -14.15 32.17
N ASP A 63 -8.51 -13.58 30.99
CA ASP A 63 -7.45 -12.98 30.20
C ASP A 63 -7.85 -11.58 29.76
N CYS A 64 -6.83 -10.83 29.35
CA CYS A 64 -6.94 -9.44 28.95
C CYS A 64 -8.02 -9.22 27.88
N LEU A 65 -8.71 -8.10 28.00
CA LEU A 65 -9.72 -7.69 27.01
C LEU A 65 -9.15 -6.66 26.06
N PHE A 66 -9.36 -6.89 24.77
CA PHE A 66 -8.77 -6.04 23.73
C PHE A 66 -9.71 -5.08 23.03
N ASP A 67 -11.01 -5.33 23.14
CA ASP A 67 -12.01 -4.45 22.54
C ASP A 67 -13.38 -4.77 23.14
N LEU A 68 -14.33 -3.90 22.88
CA LEU A 68 -15.72 -4.12 23.24
C LEU A 68 -16.67 -3.60 22.16
N ALA A 69 -17.91 -4.07 22.18
CA ALA A 69 -18.95 -3.55 21.32
C ALA A 69 -20.28 -3.71 22.03
N TRP A 70 -20.99 -2.59 22.18
CA TRP A 70 -22.34 -2.61 22.75
C TRP A 70 -23.28 -3.31 21.77
N ASN A 71 -24.24 -4.07 22.31
CA ASN A 71 -25.27 -4.73 21.48
C ASN A 71 -26.23 -3.68 20.95
N GLU A 72 -26.26 -3.49 19.64
CA GLU A 72 -27.12 -2.44 19.06
C GLU A 72 -28.61 -2.77 19.17
N SER A 73 -28.92 -4.00 19.57
CA SER A 73 -30.30 -4.48 19.70
C SER A 73 -30.76 -4.71 21.14
N HIS A 74 -29.88 -4.49 22.11
CA HIS A 74 -30.23 -4.75 23.51
C HIS A 74 -29.46 -3.82 24.43
N GLU A 75 -30.20 -2.93 25.12
CA GLU A 75 -29.60 -1.85 25.92
C GLU A 75 -28.72 -2.34 27.08
N ASN A 76 -28.89 -3.58 27.50
CA ASN A 76 -28.17 -4.08 28.66
C ASN A 76 -27.03 -5.03 28.30
N GLN A 77 -26.74 -5.18 27.01
CA GLN A 77 -25.77 -6.17 26.58
C GLN A 77 -24.56 -5.56 25.89
N VAL A 78 -23.39 -6.12 26.19
CA VAL A 78 -22.13 -5.61 25.67
C VAL A 78 -21.17 -6.77 25.49
N LEU A 79 -20.50 -6.77 24.35
CA LEU A 79 -19.60 -7.82 23.94
C LEU A 79 -18.16 -7.40 24.17
N VAL A 80 -17.31 -8.35 24.57
CA VAL A 80 -15.88 -8.10 24.66
C VAL A 80 -15.07 -9.12 23.84
N ALA A 81 -13.89 -8.68 23.41
CA ALA A 81 -12.96 -9.54 22.69
C ALA A 81 -11.81 -9.86 23.65
N GLN A 82 -11.52 -11.15 23.80
CA GLN A 82 -10.59 -11.62 24.85
C GLN A 82 -9.32 -12.25 24.28
N GLY A 83 -8.25 -12.21 25.08
CA GLY A 83 -6.94 -12.68 24.65
C GLY A 83 -6.82 -14.18 24.48
N ASP A 84 -7.80 -14.92 24.97
CA ASP A 84 -7.77 -16.39 24.92
C ASP A 84 -8.45 -16.89 23.64
N GLY A 85 -8.85 -15.96 22.79
CA GLY A 85 -9.50 -16.30 21.53
C GLY A 85 -11.01 -16.33 21.63
N THR A 86 -11.55 -16.08 22.82
CA THR A 86 -13.01 -16.05 22.98
C THR A 86 -13.56 -14.64 22.82
N LEU A 87 -14.83 -14.56 22.51
CA LEU A 87 -15.60 -13.35 22.74
C LEU A 87 -16.65 -13.71 23.77
N ARG A 88 -17.03 -12.74 24.58
CA ARG A 88 -17.98 -12.98 25.66
C ARG A 88 -19.00 -11.86 25.69
N LEU A 89 -20.27 -12.23 25.77
CA LEU A 89 -21.36 -11.27 25.82
C LEU A 89 -21.86 -11.20 27.25
N PHE A 90 -21.98 -9.97 27.75
CA PHE A 90 -22.41 -9.72 29.12
C PHE A 90 -23.74 -8.99 29.12
N ASP A 91 -24.57 -9.30 30.11
CA ASP A 91 -25.70 -8.44 30.44
C ASP A 91 -25.33 -7.68 31.71
N THR A 92 -25.36 -6.36 31.61
CA THR A 92 -24.88 -5.47 32.69
C THR A 92 -25.73 -5.51 33.97
N THR A 93 -26.88 -6.19 33.89
CA THR A 93 -27.76 -6.39 35.05
C THR A 93 -27.15 -7.40 36.01
N PHE A 94 -26.44 -8.37 35.44
CA PHE A 94 -25.87 -9.48 36.19
C PHE A 94 -24.52 -9.13 36.79
N LYS A 95 -24.03 -10.03 37.64
CA LYS A 95 -22.68 -9.92 38.18
C LYS A 95 -21.78 -11.06 37.68
N GLU A 96 -20.48 -10.78 37.67
CA GLU A 96 -19.41 -11.79 37.64
C GLU A 96 -19.20 -12.47 36.30
N PHE A 97 -20.28 -12.99 35.71
CA PHE A 97 -20.17 -13.85 34.52
C PHE A 97 -20.92 -13.32 33.33
N PRO A 98 -20.53 -13.77 32.12
CA PRO A 98 -21.23 -13.40 30.91
C PRO A 98 -22.50 -14.21 30.68
N ILE A 99 -23.31 -13.85 29.68
CA ILE A 99 -24.47 -14.66 29.28
C ILE A 99 -24.18 -15.58 28.08
N ALA A 100 -23.08 -15.34 27.38
CA ALA A 100 -22.68 -16.16 26.24
C ALA A 100 -21.17 -16.08 26.00
N ILE A 101 -20.60 -17.20 25.58
CA ILE A 101 -19.18 -17.30 25.19
C ILE A 101 -19.11 -17.83 23.76
N PHE A 102 -18.27 -17.20 22.96
CA PHE A 102 -18.09 -17.55 21.56
C PHE A 102 -16.64 -17.97 21.35
N LYS A 103 -16.44 -19.25 21.06
CA LYS A 103 -15.11 -19.85 21.09
C LYS A 103 -14.80 -20.57 19.78
N GLU A 104 -14.12 -19.85 18.88
CA GLU A 104 -13.66 -20.41 17.60
C GLU A 104 -12.26 -19.91 17.22
N HIS A 105 -11.95 -18.66 17.55
CA HIS A 105 -10.66 -18.09 17.20
C HIS A 105 -9.53 -18.82 17.92
N GLU A 106 -8.40 -18.95 17.23
CA GLU A 106 -7.29 -19.76 17.72
C GLU A 106 -6.23 -18.92 18.45
N ARG A 107 -6.36 -17.61 18.35
CA ARG A 107 -5.43 -16.66 18.96
C ARG A 107 -6.23 -15.48 19.51
N GLU A 108 -5.53 -14.53 20.11
CA GLU A 108 -6.10 -13.25 20.58
C GLU A 108 -7.13 -12.65 19.62
N VAL A 109 -8.27 -12.23 20.18
CA VAL A 109 -9.25 -11.46 19.43
C VAL A 109 -8.99 -9.99 19.71
N PHE A 110 -8.58 -9.25 18.67
CA PHE A 110 -8.17 -7.84 18.83
C PHE A 110 -9.29 -6.83 18.61
N SER A 111 -10.34 -7.24 17.90
CA SER A 111 -11.47 -6.33 17.67
C SER A 111 -12.80 -7.05 17.60
N CYS A 112 -13.86 -6.32 17.97
CA CYS A 112 -15.22 -6.78 17.79
C CYS A 112 -16.09 -5.55 17.54
N ASN A 113 -17.04 -5.70 16.64
CA ASN A 113 -17.89 -4.60 16.26
CA ASN A 113 -17.86 -4.61 16.11
C ASN A 113 -19.28 -5.10 15.90
N TRP A 114 -20.27 -4.31 16.26
CA TRP A 114 -21.67 -4.71 16.06
C TRP A 114 -22.16 -4.14 14.73
N ASN A 115 -23.03 -4.90 14.07
CA ASN A 115 -23.64 -4.44 12.83
C ASN A 115 -24.64 -3.33 13.13
N LEU A 116 -24.45 -2.19 12.48
CA LEU A 116 -25.31 -1.04 12.74
C LEU A 116 -26.49 -0.98 11.81
N VAL A 117 -26.43 -1.76 10.74
CA VAL A 117 -27.49 -1.80 9.75
C VAL A 117 -28.59 -2.78 10.19
N ASN A 118 -28.30 -4.08 10.20
CA ASN A 118 -29.26 -5.08 10.70
C ASN A 118 -29.42 -5.04 12.22
N ARG A 119 -28.39 -4.52 12.89
CA ARG A 119 -28.32 -4.44 14.36
C ARG A 119 -28.33 -5.81 15.06
N GLN A 120 -28.33 -6.88 14.27
CA GLN A 120 -28.45 -8.23 14.80
C GLN A 120 -27.11 -8.92 15.07
N ASN A 121 -26.21 -8.88 14.10
CA ASN A 121 -24.98 -9.67 14.15
C ASN A 121 -23.78 -8.86 14.62
N PHE A 122 -22.73 -9.57 15.01
CA PHE A 122 -21.45 -8.93 15.31
C PHE A 122 -20.28 -9.57 14.60
N LEU A 123 -19.15 -8.86 14.62
CA LEU A 123 -17.96 -9.24 13.90
C LEU A 123 -16.81 -9.33 14.90
N SER A 124 -15.85 -10.21 14.62
CA SER A 124 -14.61 -10.28 15.39
C SER A 124 -13.42 -10.43 14.44
N SER A 125 -12.26 -9.95 14.86
CA SER A 125 -11.01 -10.17 14.11
C SER A 125 -9.90 -10.59 15.07
N SER A 126 -8.99 -11.41 14.56
CA SER A 126 -8.07 -12.14 15.44
C SER A 126 -6.66 -12.20 14.89
N TRP A 127 -5.71 -12.41 15.79
CA TRP A 127 -4.32 -12.72 15.47
C TRP A 127 -4.24 -14.01 14.63
N ASP A 128 -5.27 -14.85 14.69
CA ASP A 128 -5.31 -16.07 13.89
C ASP A 128 -5.48 -15.84 12.38
N GLY A 129 -5.66 -14.58 11.99
CA GLY A 129 -5.72 -14.18 10.58
C GLY A 129 -7.11 -14.13 9.98
N SER A 130 -8.11 -14.36 10.82
CA SER A 130 -9.49 -14.47 10.35
C SER A 130 -10.42 -13.44 10.99
N ILE A 131 -11.53 -13.23 10.29
CA ILE A 131 -12.64 -12.40 10.74
C ILE A 131 -13.84 -13.33 10.81
N LYS A 132 -14.62 -13.24 11.89
CA LYS A 132 -15.82 -14.07 12.00
C LYS A 132 -17.08 -13.22 12.21
N ILE A 133 -18.18 -13.65 11.58
CA ILE A 133 -19.49 -13.02 11.77
C ILE A 133 -20.33 -13.97 12.63
N TRP A 134 -20.96 -13.40 13.65
CA TRP A 134 -21.70 -14.18 14.65
C TRP A 134 -23.09 -13.63 14.90
N SER A 135 -24.00 -14.52 15.30
CA SER A 135 -25.25 -14.13 15.93
C SER A 135 -25.07 -14.34 17.43
N PRO A 136 -25.57 -13.39 18.25
CA PRO A 136 -25.46 -13.59 19.70
C PRO A 136 -26.29 -14.77 20.20
N LEU A 137 -27.20 -15.28 19.36
CA LEU A 137 -28.10 -16.37 19.74
C LEU A 137 -27.57 -17.75 19.36
N ARG A 138 -26.41 -17.78 18.70
CA ARG A 138 -25.85 -19.03 18.20
C ARG A 138 -24.41 -19.23 18.64
N LYS A 139 -24.10 -20.44 19.09
CA LYS A 139 -22.77 -20.76 19.61
C LYS A 139 -21.71 -20.69 18.51
N GLN A 140 -22.05 -21.16 17.32
CA GLN A 140 -21.09 -21.20 16.22
C GLN A 140 -21.20 -19.99 15.29
N SER A 141 -20.07 -19.56 14.76
CA SER A 141 -20.05 -18.44 13.81
C SER A 141 -20.86 -18.75 12.55
N LEU A 142 -21.33 -17.69 11.91
CA LEU A 142 -22.17 -17.77 10.73
C LEU A 142 -21.32 -17.77 9.46
N MET A 143 -20.15 -17.13 9.55
CA MET A 143 -19.27 -16.93 8.40
C MET A 143 -17.86 -16.61 8.89
N THR A 144 -16.87 -17.06 8.12
CA THR A 144 -15.46 -16.73 8.37
C THR A 144 -14.89 -16.07 7.12
N LEU A 145 -14.20 -14.95 7.32
CA LEU A 145 -13.57 -14.21 6.23
C LEU A 145 -12.06 -14.15 6.50
N THR A 146 -11.26 -14.49 5.50
CA THR A 146 -9.81 -14.48 5.68
C THR A 146 -9.17 -13.53 4.66
N PRO A 147 -8.58 -12.42 5.15
CA PRO A 147 -7.87 -11.49 4.26
C PRO A 147 -6.73 -12.18 3.53
N ARG A 148 -6.76 -12.08 2.21
CA ARG A 148 -5.75 -12.67 1.33
C ARG A 148 -5.49 -11.76 0.13
N PRO A 149 -4.63 -10.73 0.31
CA PRO A 149 -4.25 -9.82 -0.79
C PRO A 149 -3.57 -10.55 -1.96
N LEU A 150 -3.95 -10.17 -3.19
CA LEU A 150 -3.45 -10.81 -4.40
C LEU A 150 -1.92 -10.84 -4.48
N GLU A 151 -1.30 -9.72 -4.16
CA GLU A 151 0.17 -9.60 -4.14
C GLU A 151 0.80 -10.46 -3.05
N ILE A 152 0.17 -10.49 -1.87
CA ILE A 152 0.63 -11.32 -0.76
C ILE A 152 0.54 -12.81 -1.12
N THR A 153 -0.64 -13.22 -1.58
CA THR A 153 -0.94 -14.60 -1.92
C THR A 153 0.00 -15.17 -3.00
N LYS A 154 0.23 -14.38 -4.06
CA LYS A 154 1.08 -14.80 -5.17
C LYS A 154 2.53 -15.12 -4.76
N MET A 155 3.12 -14.26 -3.93
CA MET A 155 4.53 -14.37 -3.54
C MET A 155 4.78 -15.37 -2.42
N VAL A 156 3.75 -15.66 -1.63
CA VAL A 156 3.81 -16.66 -0.56
C VAL A 156 3.75 -18.07 -1.14
N ASP A 157 4.69 -18.92 -0.74
CA ASP A 157 4.72 -20.32 -1.16
C ASP A 157 3.52 -21.08 -0.60
N PRO A 158 2.84 -21.85 -1.46
CA PRO A 158 1.66 -22.66 -1.08
C PRO A 158 1.92 -23.67 0.04
N LEU A 159 3.17 -24.12 0.17
CA LEU A 159 3.59 -25.04 1.23
C LEU A 159 4.35 -24.28 2.32
N ASN A 160 4.07 -22.99 2.45
CA ASN A 160 4.70 -22.11 3.42
C ASN A 160 4.64 -22.62 4.85
N ALA A 161 3.50 -23.21 5.22
CA ALA A 161 3.26 -23.66 6.59
C ALA A 161 4.11 -24.88 7.02
N ILE A 162 4.78 -25.51 6.06
CA ILE A 162 5.65 -26.66 6.36
C ILE A 162 7.13 -26.43 6.03
N ILE A 163 7.45 -25.24 5.53
CA ILE A 163 8.84 -24.85 5.31
C ILE A 163 9.20 -23.72 6.28
N LEU A 164 10.05 -24.02 7.26
CA LEU A 164 10.46 -23.04 8.26
C LEU A 164 11.58 -22.16 7.71
N LYS A 165 11.34 -20.84 7.72
CA LYS A 165 12.30 -19.87 7.20
C LYS A 165 13.07 -19.19 8.33
N ASN A 177 -1.73 -12.33 7.89
CA ASN A 177 -1.38 -12.46 9.30
C ASN A 177 -2.42 -11.81 10.23
N CYS A 178 -1.96 -11.07 11.24
CA CYS A 178 -2.84 -10.48 12.27
CA CYS A 178 -2.86 -10.50 12.25
C CYS A 178 -3.86 -9.52 11.66
N VAL A 179 -5.13 -9.73 11.97
CA VAL A 179 -6.17 -8.80 11.56
C VAL A 179 -6.50 -7.95 12.79
N TYR A 180 -6.02 -6.71 12.76
CA TYR A 180 -6.08 -5.84 13.94
C TYR A 180 -7.46 -5.26 14.17
N GLN A 181 -8.17 -4.98 13.09
CA GLN A 181 -9.51 -4.40 13.18
C GLN A 181 -10.37 -4.78 11.98
N ALA A 182 -11.65 -5.02 12.25
CA ALA A 182 -12.63 -5.25 11.21
C ALA A 182 -13.93 -4.56 11.57
N GLN A 183 -14.64 -4.14 10.53
CA GLN A 183 -15.83 -3.30 10.70
CA GLN A 183 -15.82 -3.30 10.70
C GLN A 183 -16.87 -3.63 9.65
N PHE A 184 -18.15 -3.62 10.07
CA PHE A 184 -19.25 -3.66 9.12
C PHE A 184 -19.42 -2.25 8.59
N SER A 185 -19.77 -2.11 7.30
CA SER A 185 -20.17 -0.82 6.77
C SER A 185 -21.48 -0.41 7.43
N PRO A 186 -21.59 0.85 7.88
CA PRO A 186 -22.86 1.34 8.41
C PRO A 186 -23.81 1.75 7.28
N HIS A 187 -23.36 1.59 6.03
CA HIS A 187 -24.18 1.91 4.86
C HIS A 187 -24.71 0.64 4.18
N ASP A 188 -23.82 -0.30 3.91
CA ASP A 188 -24.16 -1.56 3.24
C ASP A 188 -24.00 -2.72 4.21
N GLN A 189 -25.11 -3.41 4.47
CA GLN A 189 -25.17 -4.58 5.35
C GLN A 189 -24.09 -5.63 5.05
N ASN A 190 -23.74 -5.78 3.78
CA ASN A 190 -22.90 -6.89 3.35
C ASN A 190 -21.44 -6.57 3.09
N LEU A 191 -21.04 -5.34 3.40
CA LEU A 191 -19.63 -4.96 3.26
C LEU A 191 -18.88 -5.00 4.58
N VAL A 192 -17.71 -5.61 4.56
CA VAL A 192 -16.80 -5.66 5.71
C VAL A 192 -15.43 -5.12 5.31
N LEU A 193 -14.90 -4.22 6.14
CA LEU A 193 -13.56 -3.71 5.96
C LEU A 193 -12.65 -4.17 7.09
N SER A 194 -11.41 -4.53 6.75
CA SER A 194 -10.42 -4.91 7.75
C SER A 194 -9.05 -4.40 7.40
N CYS A 195 -8.17 -4.34 8.39
CA CYS A 195 -6.75 -4.00 8.20
CA CYS A 195 -6.77 -4.08 8.11
C CYS A 195 -5.88 -5.07 8.83
N SER A 196 -4.80 -5.44 8.14
CA SER A 196 -3.92 -6.50 8.61
C SER A 196 -2.48 -6.04 8.79
N GLY A 197 -1.73 -6.85 9.52
CA GLY A 197 -0.29 -6.63 9.76
C GLY A 197 0.55 -6.68 8.51
N ASN A 198 -0.01 -7.20 7.42
CA ASN A 198 0.69 -7.20 6.13
C ASN A 198 0.55 -5.90 5.34
N SER A 199 -0.06 -4.89 5.97
CA SER A 199 -0.16 -3.54 5.41
C SER A 199 -1.29 -3.35 4.40
N TYR A 200 -2.17 -4.37 4.30
CA TYR A 200 -3.30 -4.31 3.40
C TYR A 200 -4.61 -4.11 4.14
N ALA A 201 -5.47 -3.28 3.55
CA ALA A 201 -6.86 -3.22 3.91
C ALA A 201 -7.62 -4.18 3.00
N SER A 202 -8.60 -4.86 3.57
CA SER A 202 -9.42 -5.81 2.83
C SER A 202 -10.87 -5.36 2.84
N LEU A 203 -11.53 -5.48 1.69
CA LEU A 203 -12.93 -5.16 1.58
C LEU A 203 -13.68 -6.40 1.11
N PHE A 204 -14.56 -6.91 1.96
CA PHE A 204 -15.34 -8.12 1.67
C PHE A 204 -16.77 -7.79 1.31
N ASP A 205 -17.32 -8.53 0.35
CA ASP A 205 -18.73 -8.52 0.07
C ASP A 205 -19.17 -9.95 0.38
N ILE A 206 -19.87 -10.11 1.49
CA ILE A 206 -20.20 -11.43 2.00
C ILE A 206 -21.23 -12.17 1.14
N ARG A 207 -21.81 -11.47 0.16
CA ARG A 207 -22.71 -12.08 -0.82
C ARG A 207 -21.98 -12.97 -1.83
N LEU A 208 -20.67 -12.75 -1.97
CA LEU A 208 -19.86 -13.51 -2.90
C LEU A 208 -19.16 -14.68 -2.20
N PRO A 209 -18.86 -15.77 -2.95
CA PRO A 209 -18.26 -16.96 -2.35
C PRO A 209 -16.80 -16.73 -1.89
N SER A 210 -16.33 -17.59 -0.98
CA SER A 210 -14.94 -17.56 -0.53
C SER A 210 -13.97 -17.74 -1.70
N GLY A 211 -12.92 -16.93 -1.71
CA GLY A 211 -11.93 -16.97 -2.78
C GLY A 211 -12.22 -16.00 -3.92
N LYS A 212 -13.41 -15.40 -3.89
CA LYS A 212 -13.83 -14.44 -4.91
C LYS A 212 -14.63 -13.28 -4.31
N ASN A 213 -14.53 -13.09 -2.99
CA ASN A 213 -15.34 -12.11 -2.28
C ASN A 213 -14.61 -10.89 -1.72
N GLN A 214 -13.33 -10.74 -2.06
CA GLN A 214 -12.52 -9.71 -1.43
C GLN A 214 -11.61 -8.92 -2.38
N ASN A 215 -11.58 -7.61 -2.16
CA ASN A 215 -10.63 -6.73 -2.80
C ASN A 215 -9.65 -6.22 -1.75
N ASN A 216 -8.38 -6.18 -2.10
CA ASN A 216 -7.34 -5.76 -1.16
C ASN A 216 -6.53 -4.60 -1.72
N PHE A 217 -6.11 -3.71 -0.83
CA PHE A 217 -5.27 -2.57 -1.23
C PHE A 217 -4.20 -2.21 -0.19
N LEU A 218 -3.05 -1.80 -0.68
CA LEU A 218 -1.92 -1.46 0.18
C LEU A 218 -2.15 -0.09 0.81
N VAL A 219 -2.08 -0.03 2.14
CA VAL A 219 -2.44 1.18 2.86
C VAL A 219 -1.33 1.81 3.70
N HIS A 220 -0.40 1.01 4.24
CA HIS A 220 0.57 1.58 5.20
C HIS A 220 2.06 1.20 5.01
N SER A 221 2.52 1.39 3.77
CA SER A 221 3.95 1.35 3.41
C SER A 221 4.61 -0.02 3.46
N GLY A 222 3.86 -1.08 3.72
CA GLY A 222 4.43 -2.40 3.98
C GLY A 222 4.57 -2.68 5.48
N LEU A 223 4.26 -1.67 6.28
CA LEU A 223 4.27 -1.79 7.73
C LEU A 223 2.85 -2.07 8.21
N GLU A 224 2.71 -2.56 9.43
CA GLU A 224 1.40 -3.05 9.91
C GLU A 224 0.31 -1.97 9.86
N ALA A 225 -0.87 -2.38 9.37
CA ALA A 225 -2.03 -1.51 9.37
C ALA A 225 -2.88 -1.93 10.56
N LEU A 226 -3.10 -0.99 11.48
CA LEU A 226 -3.63 -1.30 12.80
C LEU A 226 -5.10 -0.95 12.96
N THR A 227 -5.60 -0.07 12.10
CA THR A 227 -6.92 0.51 12.31
C THR A 227 -7.59 0.99 11.04
N CYS A 228 -8.91 0.81 10.98
CA CYS A 228 -9.71 1.24 9.83
C CYS A 228 -11.10 1.62 10.32
N ASP A 229 -11.74 2.57 9.61
CA ASP A 229 -13.07 3.04 9.98
C ASP A 229 -13.80 3.59 8.75
N PHE A 230 -15.09 3.29 8.65
CA PHE A 230 -15.96 3.84 7.62
C PHE A 230 -16.40 5.25 7.96
N ASN A 231 -16.39 6.13 6.97
CA ASN A 231 -17.02 7.43 7.12
C ASN A 231 -18.51 7.20 7.40
N LYS A 232 -19.05 7.97 8.33
CA LYS A 232 -20.43 7.77 8.80
C LYS A 232 -21.47 8.36 7.84
N TYR A 233 -21.00 9.17 6.89
CA TYR A 233 -21.86 9.92 5.96
C TYR A 233 -21.58 9.59 4.49
N ARG A 234 -20.37 9.17 4.19
CA ARG A 234 -19.97 8.90 2.82
C ARG A 234 -19.67 7.42 2.59
N PRO A 235 -20.59 6.72 1.89
CA PRO A 235 -20.60 5.26 1.77
C PRO A 235 -19.29 4.64 1.31
N TYR A 236 -18.59 5.32 0.40
CA TYR A 236 -17.39 4.76 -0.21
C TYR A 236 -16.08 5.28 0.41
N VAL A 237 -16.19 6.03 1.51
CA VAL A 237 -15.02 6.68 2.11
C VAL A 237 -14.59 5.99 3.40
N VAL A 238 -13.34 5.56 3.45
CA VAL A 238 -12.78 4.93 4.65
C VAL A 238 -11.47 5.60 5.08
N ALA A 239 -11.13 5.49 6.37
CA ALA A 239 -9.82 5.93 6.84
C ALA A 239 -9.04 4.76 7.42
N THR A 240 -7.71 4.80 7.27
CA THR A 240 -6.86 3.77 7.85
C THR A 240 -5.69 4.43 8.59
N GLY A 241 -5.13 3.72 9.57
CA GLY A 241 -3.95 4.16 10.29
C GLY A 241 -3.04 2.98 10.59
N GLY A 242 -1.75 3.26 10.74
CA GLY A 242 -0.81 2.20 11.08
C GLY A 242 0.57 2.62 11.51
N VAL A 243 1.51 1.71 11.28
CA VAL A 243 2.85 1.76 11.83
C VAL A 243 3.75 2.75 11.06
N ASP A 244 3.31 3.22 9.91
CA ASP A 244 4.05 4.26 9.17
C ASP A 244 3.67 5.68 9.60
N ASN A 245 2.92 5.78 10.71
CA ASN A 245 2.52 7.05 11.33
C ASN A 245 1.63 7.96 10.48
N ALA A 246 1.02 7.38 9.46
CA ALA A 246 0.18 8.14 8.55
C ALA A 246 -1.29 7.77 8.71
N ILE A 247 -2.17 8.74 8.46
CA ILE A 247 -3.60 8.47 8.29
C ILE A 247 -3.89 8.61 6.81
N ARG A 248 -4.51 7.59 6.23
CA ARG A 248 -4.92 7.68 4.83
C ARG A 248 -6.42 7.58 4.67
N ILE A 249 -6.94 8.39 3.76
CA ILE A 249 -8.37 8.42 3.47
C ILE A 249 -8.56 7.92 2.04
N TRP A 250 -9.47 6.97 1.88
CA TRP A 250 -9.62 6.23 0.64
C TRP A 250 -11.03 6.32 0.09
N ASP A 251 -11.13 6.24 -1.23
CA ASP A 251 -12.40 6.04 -1.89
C ASP A 251 -12.42 4.64 -2.47
N ILE A 252 -13.28 3.78 -1.91
CA ILE A 252 -13.30 2.37 -2.28
C ILE A 252 -13.92 2.13 -3.67
N ARG A 253 -14.74 3.07 -4.14
CA ARG A 253 -15.30 2.99 -5.50
C ARG A 253 -14.29 3.50 -6.55
N MET A 254 -13.11 3.88 -6.08
CA MET A 254 -12.02 4.35 -6.95
C MET A 254 -10.72 3.58 -6.70
N SER A 266 -6.27 4.85 -5.01
CA SER A 266 -7.55 5.11 -4.36
C SER A 266 -7.44 6.18 -3.28
N CYS A 267 -6.21 6.59 -2.99
CA CYS A 267 -5.91 7.60 -1.96
C CYS A 267 -6.42 8.99 -2.34
N ILE A 268 -7.48 9.43 -1.67
CA ILE A 268 -8.07 10.76 -1.94
C ILE A 268 -7.52 11.83 -0.99
N ASN A 269 -6.95 11.38 0.12
CA ASN A 269 -6.30 12.26 1.09
C ASN A 269 -5.31 11.50 1.96
N GLU A 270 -4.27 12.22 2.40
CA GLU A 270 -3.21 11.63 3.20
C GLU A 270 -2.80 12.61 4.27
N ILE A 271 -2.55 12.10 5.47
CA ILE A 271 -1.98 12.90 6.56
C ILE A 271 -0.69 12.22 6.97
N PRO A 272 0.42 12.60 6.32
CA PRO A 272 1.71 11.99 6.63
C PRO A 272 2.19 12.50 7.97
N ASN A 273 2.84 11.63 8.74
CA ASN A 273 3.38 11.98 10.04
C ASN A 273 2.31 12.60 10.95
N ALA A 274 1.11 12.04 10.91
CA ALA A 274 0.02 12.47 11.77
C ALA A 274 0.41 12.35 13.23
N HIS A 275 1.26 11.34 13.51
CA HIS A 275 1.74 11.05 14.84
C HIS A 275 3.24 10.73 14.81
N GLY A 276 3.87 10.76 15.98
CA GLY A 276 5.30 10.45 16.10
C GLY A 276 5.62 8.97 16.19
N LEU A 277 4.59 8.18 16.52
CA LEU A 277 4.71 6.72 16.65
C LEU A 277 3.41 6.09 16.14
N ALA A 278 3.34 4.76 16.13
CA ALA A 278 2.23 4.05 15.45
C ALA A 278 0.83 4.48 15.89
N ILE A 279 -0.08 4.49 14.93
CA ILE A 279 -1.46 4.91 15.15
C ILE A 279 -2.29 3.66 15.39
N ARG A 280 -2.88 3.58 16.59
CA ARG A 280 -3.62 2.39 17.04
C ARG A 280 -5.10 2.47 16.70
N LYS A 281 -5.63 3.69 16.57
CA LYS A 281 -7.07 3.88 16.31
C LYS A 281 -7.33 5.09 15.40
N VAL A 282 -8.19 4.92 14.42
CA VAL A 282 -8.81 6.05 13.72
C VAL A 282 -10.32 5.89 13.79
N THR A 283 -11.03 6.99 14.00
CA THR A 283 -12.49 6.93 14.06
C THR A 283 -13.12 8.24 13.59
N TRP A 284 -14.01 8.10 12.61
CA TRP A 284 -14.71 9.23 12.02
C TRP A 284 -15.78 9.76 12.97
N SER A 285 -16.00 11.07 12.93
CA SER A 285 -17.02 11.71 13.74
C SER A 285 -18.42 11.26 13.29
N PRO A 286 -19.32 11.03 14.26
CA PRO A 286 -20.72 10.74 13.90
C PRO A 286 -21.55 12.03 13.79
N HIS A 287 -20.87 13.17 13.72
CA HIS A 287 -21.54 14.48 13.63
C HIS A 287 -21.18 15.22 12.34
N HIS A 288 -20.02 14.90 11.76
CA HIS A 288 -19.53 15.57 10.56
C HIS A 288 -18.87 14.59 9.61
N SER A 289 -19.06 14.80 8.30
CA SER A 289 -18.46 13.91 7.29
C SER A 289 -16.97 14.16 7.10
N ASN A 290 -16.49 15.29 7.60
CA ASN A 290 -15.11 15.72 7.32
C ASN A 290 -14.20 15.78 8.55
N ILE A 291 -14.65 15.15 9.64
CA ILE A 291 -13.92 15.18 10.92
C ILE A 291 -13.59 13.76 11.36
N LEU A 292 -12.34 13.54 11.77
CA LEU A 292 -11.93 12.24 12.31
C LEU A 292 -10.93 12.38 13.46
N MET A 293 -10.80 11.31 14.25
CA MET A 293 -9.96 11.28 15.44
C MET A 293 -8.97 10.12 15.37
N SER A 294 -7.75 10.35 15.86
CA SER A 294 -6.75 9.29 15.91
C SER A 294 -6.15 9.14 17.31
N ALA A 295 -5.72 7.93 17.65
CA ALA A 295 -5.05 7.66 18.93
C ALA A 295 -3.76 6.91 18.64
N SER A 296 -2.72 7.18 19.42
CA SER A 296 -1.37 6.73 19.05
C SER A 296 -0.47 6.32 20.21
N TYR A 297 0.52 5.48 19.89
CA TYR A 297 1.61 5.13 20.79
C TYR A 297 2.44 6.37 21.19
N ASP A 298 2.30 7.47 20.45
CA ASP A 298 2.94 8.72 20.87
C ASP A 298 2.20 9.40 22.05
N MET A 299 1.20 8.69 22.58
CA MET A 299 0.47 9.08 23.80
C MET A 299 -0.40 10.32 23.62
N THR A 300 -0.80 10.58 22.39
CA THR A 300 -1.73 11.66 22.09
C THR A 300 -2.97 11.14 21.38
N CYS A 301 -3.99 11.98 21.44
CA CYS A 301 -5.22 11.83 20.67
CA CYS A 301 -5.21 11.81 20.68
C CYS A 301 -5.38 13.08 19.83
N ARG A 302 -5.59 12.91 18.53
CA ARG A 302 -5.69 14.08 17.66
C ARG A 302 -6.99 14.14 16.85
N ILE A 303 -7.48 15.36 16.64
CA ILE A 303 -8.66 15.59 15.82
C ILE A 303 -8.23 16.26 14.51
N TRP A 304 -8.80 15.76 13.42
CA TRP A 304 -8.39 16.15 12.08
C TRP A 304 -9.58 16.61 11.25
N ARG A 305 -9.32 17.54 10.35
CA ARG A 305 -10.26 17.89 9.30
C ARG A 305 -9.79 17.25 7.99
N ASP A 306 -10.69 16.51 7.36
CA ASP A 306 -10.44 15.95 6.03
C ASP A 306 -10.68 17.07 5.03
N LEU A 307 -9.59 17.63 4.51
CA LEU A 307 -9.67 18.79 3.62
C LEU A 307 -10.11 18.46 2.19
N SER A 308 -10.06 17.18 1.82
CA SER A 308 -10.51 16.75 0.50
C SER A 308 -12.03 16.72 0.38
N ASN A 309 -12.70 16.91 1.51
CA ASN A 309 -14.16 16.87 1.61
C ASN A 309 -14.73 18.27 1.87
N LYS A 317 -8.09 20.17 -2.81
CA LYS A 317 -7.22 20.37 -1.65
C LYS A 317 -6.95 19.06 -0.91
N THR A 318 -5.76 18.97 -0.32
CA THR A 318 -5.37 17.83 0.53
C THR A 318 -4.71 18.33 1.81
N ASN A 319 -4.58 17.43 2.80
CA ASN A 319 -3.95 17.77 4.08
C ASN A 319 -2.43 17.91 3.99
N SER A 320 -1.83 17.23 3.00
CA SER A 320 -0.37 17.28 2.79
C SER A 320 0.13 18.67 2.39
N THR A 321 -0.74 19.45 1.75
CA THR A 321 -0.38 20.78 1.24
C THR A 321 -0.67 21.90 2.24
N ASP A 322 -1.60 21.65 3.16
CA ASP A 322 -2.00 22.65 4.18
C ASP A 322 -0.92 22.83 5.25
N ALA A 323 -0.78 24.08 5.71
CA ALA A 323 0.24 24.47 6.68
C ALA A 323 0.21 23.72 8.01
N THR A 324 -0.97 23.22 8.39
CA THR A 324 -1.14 22.52 9.66
C THR A 324 -1.64 21.08 9.50
N LYS A 325 -1.67 20.61 8.26
CA LYS A 325 -2.13 19.25 7.90
C LYS A 325 -3.56 18.95 8.36
N GLY A 326 -4.39 20.00 8.44
CA GLY A 326 -5.78 19.87 8.85
C GLY A 326 -5.97 19.49 10.31
N SER A 327 -4.96 19.78 11.12
CA SER A 327 -5.02 19.46 12.54
C SER A 327 -5.94 20.44 13.27
N ILE A 328 -6.84 19.90 14.09
CA ILE A 328 -7.83 20.69 14.81
C ILE A 328 -7.51 20.79 16.30
N PHE A 329 -7.14 19.67 16.90
CA PHE A 329 -6.91 19.60 18.34
C PHE A 329 -5.95 18.47 18.69
N ASN A 330 -5.08 18.72 19.67
CA ASN A 330 -4.14 17.73 20.17
C ASN A 330 -4.35 17.52 21.66
N PHE A 331 -4.95 16.38 22.02
CA PHE A 331 -5.18 16.04 23.42
C PHE A 331 -3.96 15.27 23.94
N THR A 332 -3.32 15.80 24.97
CA THR A 332 -2.02 15.30 25.41
C THR A 332 -1.96 14.80 26.85
N GLN A 333 -3.12 14.67 27.51
CA GLN A 333 -3.14 14.36 28.94
C GLN A 333 -2.74 12.93 29.33
N HIS A 334 -2.93 11.97 28.41
CA HIS A 334 -2.52 10.59 28.68
C HIS A 334 -1.01 10.48 28.83
N SER A 335 -0.56 9.65 29.77
CA SER A 335 0.86 9.49 30.06
C SER A 335 1.43 8.15 29.61
N GLU A 336 0.61 7.35 28.93
CA GLU A 336 1.05 6.09 28.31
C GLU A 336 0.33 5.95 26.96
N PHE A 337 0.60 4.87 26.23
CA PHE A 337 0.06 4.69 24.88
C PHE A 337 -1.46 4.82 24.89
N VAL A 338 -2.03 5.56 23.93
CA VAL A 338 -3.49 5.65 23.81
C VAL A 338 -4.06 4.62 22.83
N PHE A 339 -4.87 3.70 23.36
CA PHE A 339 -5.38 2.57 22.57
C PHE A 339 -6.86 2.66 22.20
N GLY A 340 -7.63 3.40 22.99
CA GLY A 340 -9.08 3.48 22.81
C GLY A 340 -9.56 4.91 22.65
N ALA A 341 -10.50 5.12 21.74
CA ALA A 341 -11.11 6.43 21.51
C ALA A 341 -12.47 6.28 20.85
N ASP A 342 -13.45 7.05 21.32
CA ASP A 342 -14.81 7.00 20.78
C ASP A 342 -15.49 8.35 20.86
N TRP A 343 -16.24 8.70 19.82
CA TRP A 343 -16.99 9.94 19.80
C TRP A 343 -18.29 9.78 20.58
N SER A 344 -18.66 10.80 21.35
CA SER A 344 -19.96 10.85 22.00
C SER A 344 -21.04 10.95 20.92
N LEU A 345 -22.10 10.15 21.07
CA LEU A 345 -23.20 10.15 20.11
C LEU A 345 -24.20 11.27 20.38
N TRP A 346 -24.56 11.45 21.64
CA TRP A 346 -25.56 12.44 22.04
C TRP A 346 -24.97 13.51 22.96
N GLY A 347 -25.46 14.73 22.81
CA GLY A 347 -24.99 15.87 23.59
C GLY A 347 -24.23 16.85 22.71
N LYS A 348 -23.51 17.77 23.35
CA LYS A 348 -22.69 18.75 22.62
C LYS A 348 -21.73 18.01 21.68
N PRO A 349 -21.90 18.22 20.36
CA PRO A 349 -21.12 17.51 19.33
C PRO A 349 -19.63 17.85 19.41
N GLY A 350 -18.80 16.82 19.55
CA GLY A 350 -17.35 17.01 19.65
C GLY A 350 -16.73 16.50 20.94
N TYR A 351 -17.56 15.87 21.78
CA TYR A 351 -17.07 15.22 22.99
C TYR A 351 -16.57 13.82 22.65
N VAL A 352 -15.49 13.43 23.29
CA VAL A 352 -14.89 12.11 23.04
C VAL A 352 -14.42 11.47 24.34
N ALA A 353 -14.39 10.14 24.35
CA ALA A 353 -13.79 9.39 25.44
C ALA A 353 -12.53 8.68 24.94
N SER A 354 -11.45 8.81 25.68
CA SER A 354 -10.20 8.14 25.34
C SER A 354 -9.70 7.32 26.52
N THR A 355 -9.05 6.20 26.24
CA THR A 355 -8.47 5.38 27.29
C THR A 355 -7.09 4.86 26.88
N ALA A 356 -6.25 4.59 27.88
CA ALA A 356 -4.84 4.36 27.61
C ALA A 356 -4.18 3.43 28.63
N TRP A 357 -2.92 3.11 28.38
CA TRP A 357 -2.13 2.25 29.25
C TRP A 357 -1.74 2.92 30.57
N ASP A 358 -2.26 4.13 30.82
CA ASP A 358 -2.08 4.80 32.10
C ASP A 358 -3.21 4.46 33.09
N GLY A 359 -4.13 3.61 32.66
CA GLY A 359 -5.28 3.22 33.47
C GLY A 359 -6.36 4.29 33.52
N ASN A 360 -6.24 5.30 32.67
CA ASN A 360 -7.20 6.41 32.70
C ASN A 360 -8.22 6.35 31.59
N LEU A 361 -9.44 6.73 31.95
CA LEU A 361 -10.45 7.10 30.98
C LEU A 361 -10.71 8.59 31.10
N PHE A 362 -10.57 9.33 30.00
CA PHE A 362 -10.85 10.75 29.98
C PHE A 362 -12.00 11.06 29.03
N VAL A 363 -12.86 11.98 29.46
CA VAL A 363 -13.90 12.53 28.59
C VAL A 363 -13.62 14.02 28.40
N TRP A 364 -13.57 14.44 27.14
CA TRP A 364 -13.15 15.79 26.78
C TRP A 364 -13.74 16.27 25.47
N ASN A 365 -13.76 17.59 25.28
CA ASN A 365 -14.27 18.19 24.06
C ASN A 365 -13.14 18.54 23.12
N GLY A 366 -13.16 17.94 21.93
CA GLY A 366 -12.16 18.23 20.90
C GLY A 366 -12.59 19.32 19.95
N LEU A 367 -13.85 19.77 20.09
CA LEU A 367 -14.48 20.77 19.21
C LEU A 367 -14.61 20.31 17.77
N SER B 10 13.78 -15.02 29.17
CA SER B 10 14.97 -15.06 28.27
C SER B 10 14.64 -14.42 26.94
N GLU B 11 13.65 -14.99 26.25
CA GLU B 11 13.11 -14.38 25.04
C GLU B 11 12.39 -13.08 25.41
N LEU B 12 11.69 -13.13 26.55
CA LEU B 12 11.03 -11.95 27.11
C LEU B 12 12.06 -10.87 27.46
N GLN B 13 13.20 -11.31 27.98
CA GLN B 13 14.31 -10.40 28.32
C GLN B 13 14.86 -9.74 27.06
N ARG B 14 15.00 -10.53 25.99
CA ARG B 14 15.49 -10.03 24.70
C ARG B 14 14.59 -8.95 24.11
N ILE B 15 13.28 -9.23 24.06
CA ILE B 15 12.30 -8.29 23.51
C ILE B 15 12.28 -6.98 24.30
N ALA B 16 12.27 -7.08 25.63
CA ALA B 16 12.28 -5.92 26.50
C ALA B 16 13.50 -5.03 26.25
N THR B 17 14.67 -5.66 26.10
CA THR B 17 15.92 -4.96 25.81
C THR B 17 15.86 -4.17 24.50
N ASP B 18 15.23 -4.78 23.49
CA ASP B 18 15.08 -4.13 22.18
C ASP B 18 14.17 -2.91 22.25
N ILE B 19 13.16 -2.96 23.11
CA ILE B 19 12.27 -1.81 23.36
C ILE B 19 13.04 -0.70 24.08
N VAL B 20 13.83 -1.08 25.10
CA VAL B 20 14.67 -0.12 25.82
C VAL B 20 15.62 0.59 24.86
N LYS B 21 16.24 -0.19 23.97
CA LYS B 21 17.21 0.34 23.01
C LYS B 21 16.60 1.23 21.92
N CYS B 22 15.44 0.86 21.40
CA CYS B 22 14.78 1.65 20.35
C CYS B 22 14.28 3.00 20.84
N CYS B 23 13.66 2.99 22.02
CA CYS B 23 12.68 4.02 22.34
C CYS B 23 12.78 4.56 23.78
N THR B 24 13.98 4.99 24.17
CA THR B 24 14.20 5.65 25.47
C THR B 24 15.11 6.86 25.33
N SER B 37 9.68 14.48 18.89
CA SER B 37 9.15 15.60 19.65
C SER B 37 9.59 15.57 21.12
N SER B 38 9.91 16.75 21.65
CA SER B 38 10.38 16.91 23.03
C SER B 38 9.39 16.35 24.07
N SER B 39 8.11 16.69 23.89
CA SER B 39 7.05 16.24 24.78
C SER B 39 6.94 14.71 24.81
N VAL B 40 7.02 14.09 23.63
CA VAL B 40 6.91 12.65 23.50
C VAL B 40 8.09 11.93 24.15
N GLU B 41 9.30 12.43 23.88
CA GLU B 41 10.53 11.85 24.43
C GLU B 41 10.51 11.84 25.95
N SER B 42 10.09 12.95 26.55
CA SER B 42 10.00 13.05 28.01
C SER B 42 8.94 12.10 28.56
N LYS B 43 7.82 11.98 27.85
CA LYS B 43 6.74 11.06 28.23
C LYS B 43 7.21 9.60 28.23
N LEU B 44 7.99 9.23 27.22
CA LEU B 44 8.59 7.89 27.15
C LEU B 44 9.59 7.66 28.28
N SER B 45 10.39 8.68 28.59
CA SER B 45 11.39 8.55 29.65
C SER B 45 10.75 8.35 31.02
N GLU B 46 9.58 8.96 31.22
CA GLU B 46 8.86 8.86 32.48
C GLU B 46 7.78 7.77 32.49
N SER B 47 7.73 6.97 31.42
CA SER B 47 6.68 5.96 31.25
C SER B 47 6.81 4.76 32.19
N LYS B 48 5.67 4.30 32.71
CA LYS B 48 5.60 3.10 33.56
C LYS B 48 5.78 1.82 32.76
N PHE B 49 5.37 1.83 31.49
CA PHE B 49 5.62 0.71 30.61
C PHE B 49 7.13 0.55 30.38
N ILE B 50 7.78 1.67 30.07
CA ILE B 50 9.23 1.69 29.83
C ILE B 50 10.01 1.27 31.08
N GLN B 51 9.54 1.69 32.26
CA GLN B 51 10.12 1.25 33.53
C GLN B 51 10.04 -0.26 33.71
N LEU B 52 8.89 -0.84 33.32
CA LEU B 52 8.73 -2.30 33.36
C LEU B 52 9.69 -2.98 32.39
N MET B 53 9.86 -2.37 31.21
CA MET B 53 10.75 -2.91 30.20
C MET B 53 12.20 -2.93 30.70
N ARG B 54 12.60 -1.89 31.42
CA ARG B 54 13.93 -1.84 32.04
C ARG B 54 14.11 -2.97 33.06
N ASN B 55 13.11 -3.13 33.94
CA ASN B 55 13.16 -4.14 34.99
C ASN B 55 13.10 -5.58 34.48
N ILE B 56 12.47 -5.79 33.33
CA ILE B 56 12.47 -7.11 32.67
C ILE B 56 13.79 -7.31 31.92
N SER B 57 14.27 -6.25 31.29
CA SER B 57 15.58 -6.25 30.62
C SER B 57 16.70 -6.62 31.60
N SER B 58 16.67 -6.02 32.79
CA SER B 58 17.71 -6.24 33.81
C SER B 58 17.63 -7.62 34.47
N GLY B 59 16.45 -8.22 34.47
CA GLY B 59 16.25 -9.54 35.05
C GLY B 59 15.61 -9.54 36.43
N ASP B 60 15.34 -8.35 36.96
CA ASP B 60 14.66 -8.20 38.24
C ASP B 60 13.23 -8.75 38.19
N VAL B 61 12.48 -8.31 37.18
CA VAL B 61 11.08 -8.70 37.02
C VAL B 61 10.94 -9.81 35.98
N THR B 62 10.27 -10.89 36.36
CA THR B 62 9.97 -11.97 35.42
C THR B 62 8.60 -12.62 35.70
N LEU B 63 8.17 -13.47 34.79
CA LEU B 63 6.86 -14.12 34.86
C LEU B 63 6.82 -15.19 35.95
N LYS B 64 6.02 -14.93 36.99
CA LYS B 64 5.86 -15.85 38.11
C LYS B 64 5.18 -17.16 37.68
N SER B 73 0.14 -16.21 35.79
CA SER B 73 -0.21 -15.04 34.97
C SER B 73 0.07 -13.75 35.74
N GLU B 74 1.24 -13.70 36.37
CA GLU B 74 1.65 -12.59 37.22
C GLU B 74 3.12 -12.27 37.02
N LEU B 75 3.49 -11.03 37.31
CA LEU B 75 4.89 -10.61 37.27
C LEU B 75 5.38 -10.32 38.68
N PHE B 76 6.63 -10.64 38.96
CA PHE B 76 7.18 -10.44 40.30
C PHE B 76 8.61 -9.92 40.32
N SER B 77 8.91 -9.10 41.32
CA SER B 77 10.24 -8.50 41.48
C SER B 77 11.08 -9.34 42.43
N SER B 78 12.29 -9.66 41.98
CA SER B 78 13.24 -10.43 42.80
C SER B 78 13.76 -9.63 43.99
N ASN B 79 14.13 -8.36 43.74
CA ASN B 79 14.66 -7.49 44.79
C ASN B 79 13.64 -7.14 45.88
N ASN B 80 12.37 -7.05 45.48
CA ASN B 80 11.26 -6.85 46.42
C ASN B 80 10.78 -8.19 46.96
N GLY B 81 11.07 -9.26 46.22
CA GLY B 81 10.62 -10.61 46.56
C GLY B 81 9.14 -10.84 46.27
N GLU B 82 8.44 -9.78 45.87
CA GLU B 82 6.98 -9.79 45.78
C GLU B 82 6.43 -9.47 44.38
N LEU B 83 5.12 -9.26 44.32
CA LEU B 83 4.39 -9.06 43.07
C LEU B 83 4.54 -7.66 42.49
N VAL B 84 4.67 -7.58 41.17
CA VAL B 84 4.53 -6.32 40.45
C VAL B 84 3.32 -6.39 39.51
N GLY B 85 2.50 -5.35 39.53
CA GLY B 85 1.25 -5.34 38.76
C GLY B 85 0.15 -6.10 39.45
N ASN B 86 -0.98 -6.26 38.77
CA ASN B 86 -2.14 -6.93 39.34
C ASN B 86 -1.91 -8.40 39.66
N ARG B 87 -2.52 -8.85 40.75
CA ARG B 87 -2.65 -10.27 41.06
C ARG B 87 -3.59 -10.89 40.03
N HIS B 88 -3.31 -12.12 39.63
CA HIS B 88 -4.26 -12.85 38.79
C HIS B 88 -5.26 -13.64 39.63
N ILE B 89 -6.53 -13.44 39.32
CA ILE B 89 -7.62 -14.15 39.98
C ILE B 89 -8.25 -15.09 38.95
N PHE B 90 -8.28 -16.38 39.26
CA PHE B 90 -8.93 -17.37 38.41
C PHE B 90 -10.40 -16.98 38.15
N VAL B 91 -10.80 -17.02 36.87
CA VAL B 91 -12.19 -16.78 36.49
C VAL B 91 -12.74 -17.98 35.72
N LYS B 92 -13.80 -18.59 36.26
CA LYS B 92 -14.45 -19.77 35.66
C LYS B 92 -15.08 -19.43 34.30
N ASP B 93 -15.18 -20.42 33.42
CA ASP B 93 -15.95 -20.28 32.17
C ASP B 93 -17.45 -20.49 32.41
N GLU B 94 -17.96 -19.97 33.52
CA GLU B 94 -19.38 -20.03 33.84
C GLU B 94 -20.13 -19.01 33.01
N ILE B 95 -21.34 -19.36 32.59
CA ILE B 95 -22.29 -18.37 32.05
C ILE B 95 -23.58 -18.46 32.84
N HIS B 96 -24.27 -17.34 32.95
CA HIS B 96 -25.63 -17.32 33.53
C HIS B 96 -26.59 -18.07 32.63
N LYS B 97 -27.62 -18.67 33.21
CA LYS B 97 -28.64 -19.33 32.39
C LYS B 97 -29.54 -18.30 31.71
N ASP B 98 -30.39 -18.78 30.80
CA ASP B 98 -31.27 -17.91 30.05
C ASP B 98 -32.49 -17.57 30.91
N ILE B 99 -32.31 -16.60 31.82
CA ILE B 99 -33.32 -16.29 32.85
C ILE B 99 -33.71 -14.81 32.87
N LEU B 100 -33.18 -14.06 31.90
CA LEU B 100 -33.33 -12.62 31.88
C LEU B 100 -33.57 -12.14 30.47
N ASP B 101 -34.69 -11.44 30.27
CA ASP B 101 -35.01 -10.85 28.98
C ASP B 101 -34.08 -9.70 28.63
N GLY C 1 6.10 -17.42 25.57
CA GLY C 1 4.68 -17.89 25.49
C GLY C 1 3.73 -16.78 25.08
N SER C 2 2.60 -16.68 25.76
CA SER C 2 1.61 -15.67 25.45
C SER C 2 2.13 -14.25 25.69
N MET C 3 2.74 -14.02 26.86
CA MET C 3 3.27 -12.69 27.18
C MET C 3 4.33 -12.24 26.19
N SER C 4 5.31 -13.11 25.92
CA SER C 4 6.39 -12.76 25.01
C SER C 4 5.88 -12.53 23.59
N GLN C 5 4.91 -13.33 23.15
CA GLN C 5 4.25 -13.12 21.86
C GLN C 5 3.60 -11.74 21.79
N ARG C 6 2.84 -11.38 22.81
CA ARG C 6 2.21 -10.05 22.86
C ARG C 6 3.21 -8.91 22.93
N LEU C 7 4.27 -9.08 23.72
CA LEU C 7 5.29 -8.04 23.86
C LEU C 7 6.07 -7.84 22.54
N GLN C 8 6.31 -8.94 21.82
CA GLN C 8 7.00 -8.90 20.52
C GLN C 8 6.22 -8.05 19.51
N SER C 9 4.90 -8.17 19.53
CA SER C 9 4.03 -7.34 18.71
C SER C 9 4.17 -5.84 19.04
N ILE C 10 4.12 -5.54 20.34
CA ILE C 10 4.28 -4.16 20.82
C ILE C 10 5.65 -3.61 20.39
N LYS C 11 6.69 -4.42 20.59
CA LYS C 11 8.05 -4.06 20.20
C LYS C 11 8.13 -3.70 18.73
N ASP C 12 7.57 -4.55 17.88
CA ASP C 12 7.59 -4.33 16.44
C ASP C 12 6.87 -3.04 16.03
N HIS C 13 5.73 -2.74 16.67
CA HIS C 13 5.04 -1.48 16.42
C HIS C 13 5.91 -0.27 16.79
N LEU C 14 6.63 -0.38 17.89
CA LEU C 14 7.46 0.71 18.38
C LEU C 14 8.73 0.89 17.52
N VAL C 15 9.48 -0.19 17.35
CA VAL C 15 10.72 -0.17 16.55
C VAL C 15 10.47 0.36 15.14
N GLU C 16 9.50 -0.24 14.46
CA GLU C 16 9.24 0.08 13.06
C GLU C 16 8.64 1.48 12.88
N SER C 17 7.86 1.95 13.85
CA SER C 17 7.32 3.31 13.74
C SER C 17 8.32 4.41 14.10
N ARG C 18 9.38 4.06 14.81
CA ARG C 18 10.40 5.04 15.17
C ARG C 18 11.55 5.11 14.17
N SER C 19 11.84 3.98 13.52
CA SER C 19 13.03 3.87 12.67
C SER C 19 13.07 4.82 11.46
N LYS C 20 14.27 5.30 11.17
CA LYS C 20 14.53 6.21 10.06
C LYS C 20 15.64 5.60 9.21
N ILE C 21 15.88 6.15 8.02
CA ILE C 21 17.03 5.73 7.22
C ILE C 21 18.30 5.85 8.07
N GLU C 22 19.18 4.85 7.97
CA GLU C 22 20.43 4.85 8.72
C GLU C 22 21.49 5.66 7.98
N GLU C 23 22.16 6.54 8.73
CA GLU C 23 23.25 7.36 8.18
C GLU C 23 24.50 6.51 7.95
N GLY C 24 25.18 6.76 6.83
CA GLY C 24 26.45 6.09 6.53
C GLY C 24 26.36 4.73 5.88
N LYS C 25 25.18 4.41 5.35
CA LYS C 25 25.03 3.24 4.49
C LYS C 25 24.04 3.59 3.41
N LEU C 26 23.91 2.70 2.42
CA LEU C 26 22.90 2.89 1.38
C LEU C 26 21.96 1.71 1.31
N VAL C 27 20.66 2.02 1.24
CA VAL C 27 19.62 1.03 0.96
C VAL C 27 19.02 1.37 -0.40
N ILE C 28 19.00 0.38 -1.27
CA ILE C 28 18.51 0.54 -2.65
C ILE C 28 17.30 -0.37 -2.87
N TRP C 29 16.23 0.18 -3.46
CA TRP C 29 15.08 -0.62 -3.88
C TRP C 29 15.03 -0.71 -5.40
N ILE C 30 14.89 -1.92 -5.92
CA ILE C 30 14.79 -2.14 -7.36
C ILE C 30 13.85 -3.31 -7.59
N ASN C 31 13.17 -3.34 -8.73
CA ASN C 31 12.20 -4.40 -9.02
C ASN C 31 12.83 -5.78 -9.16
N GLY C 32 12.07 -6.80 -8.78
CA GLY C 32 12.53 -8.18 -8.81
C GLY C 32 12.87 -8.72 -10.18
N ASP C 33 12.40 -8.05 -11.24
CA ASP C 33 12.70 -8.52 -12.61
C ASP C 33 13.97 -7.87 -13.19
N LYS C 34 14.64 -7.06 -12.38
CA LYS C 34 15.91 -6.43 -12.76
C LYS C 34 17.08 -7.21 -12.20
N GLY C 35 18.28 -6.88 -12.66
CA GLY C 35 19.50 -7.55 -12.21
C GLY C 35 19.97 -7.08 -10.85
N TYR C 36 19.17 -7.35 -9.81
CA TYR C 36 19.48 -6.90 -8.46
C TYR C 36 20.74 -7.51 -7.86
N ASN C 37 21.05 -8.75 -8.22
CA ASN C 37 22.31 -9.38 -7.76
C ASN C 37 23.52 -8.75 -8.42
N GLY C 38 23.39 -8.42 -9.71
CA GLY C 38 24.43 -7.64 -10.40
C GLY C 38 24.61 -6.26 -9.78
N LEU C 39 23.50 -5.61 -9.43
CA LEU C 39 23.56 -4.31 -8.75
C LEU C 39 24.22 -4.43 -7.38
N ALA C 40 23.94 -5.52 -6.66
CA ALA C 40 24.56 -5.78 -5.38
C ALA C 40 26.08 -5.95 -5.48
N GLU C 41 26.54 -6.49 -6.62
CA GLU C 41 27.98 -6.60 -6.92
C GLU C 41 28.62 -5.21 -7.06
N VAL C 42 27.90 -4.29 -7.68
CA VAL C 42 28.36 -2.90 -7.76
C VAL C 42 28.43 -2.35 -6.33
N GLY C 43 27.41 -2.68 -5.54
CA GLY C 43 27.38 -2.34 -4.12
C GLY C 43 28.59 -2.84 -3.34
N LYS C 44 29.04 -4.06 -3.64
CA LYS C 44 30.21 -4.64 -2.95
C LYS C 44 31.50 -3.90 -3.28
N LYS C 45 31.66 -3.52 -4.56
CA LYS C 45 32.79 -2.72 -5.01
C LYS C 45 32.83 -1.35 -4.32
N PHE C 46 31.68 -0.70 -4.26
CA PHE C 46 31.53 0.58 -3.58
C PHE C 46 31.94 0.47 -2.10
N GLU C 47 31.52 -0.61 -1.45
CA GLU C 47 31.89 -0.88 -0.05
C GLU C 47 33.39 -1.13 0.12
N LYS C 48 33.98 -1.87 -0.81
CA LYS C 48 35.43 -2.13 -0.81
C LYS C 48 36.23 -0.83 -0.87
N ASP C 49 35.79 0.10 -1.70
CA ASP C 49 36.51 1.37 -1.90
C ASP C 49 36.25 2.42 -0.83
N THR C 50 35.08 2.39 -0.21
CA THR C 50 34.61 3.50 0.62
C THR C 50 34.24 3.13 2.05
N GLY C 51 34.08 1.83 2.31
CA GLY C 51 33.59 1.35 3.61
C GLY C 51 32.12 1.63 3.85
N ILE C 52 31.40 1.95 2.78
CA ILE C 52 29.97 2.22 2.86
C ILE C 52 29.21 0.97 2.43
N LYS C 53 28.47 0.38 3.36
CA LYS C 53 27.65 -0.80 3.08
C LYS C 53 26.51 -0.42 2.15
N VAL C 54 26.28 -1.26 1.15
CA VAL C 54 25.17 -1.09 0.22
C VAL C 54 24.28 -2.33 0.30
N THR C 55 23.02 -2.10 0.63
CA THR C 55 22.04 -3.18 0.68
C THR C 55 21.00 -2.97 -0.42
N VAL C 56 20.89 -3.98 -1.28
CA VAL C 56 19.92 -3.95 -2.37
C VAL C 56 18.73 -4.83 -1.97
N GLU C 57 17.53 -4.26 -2.04
CA GLU C 57 16.32 -5.02 -1.75
C GLU C 57 15.36 -4.94 -2.95
N HIS C 58 14.52 -5.96 -3.11
CA HIS C 58 13.49 -5.92 -4.13
C HIS C 58 12.09 -6.25 -3.55
N PRO C 59 11.57 -5.35 -2.68
CA PRO C 59 10.26 -5.63 -2.08
C PRO C 59 9.14 -5.64 -3.12
N ASP C 60 8.13 -6.48 -2.88
CA ASP C 60 6.93 -6.46 -3.70
C ASP C 60 6.28 -5.09 -3.60
N LYS C 61 5.68 -4.65 -4.71
CA LYS C 61 4.95 -3.38 -4.79
C LYS C 61 5.78 -2.19 -4.33
N LEU C 62 7.09 -2.24 -4.59
CA LEU C 62 7.98 -1.18 -4.10
C LEU C 62 7.55 0.20 -4.60
N GLU C 63 6.96 0.24 -5.79
CA GLU C 63 6.51 1.52 -6.38
C GLU C 63 5.29 2.11 -5.68
N GLU C 64 4.59 1.27 -4.90
CA GLU C 64 3.46 1.72 -4.09
CA GLU C 64 3.45 1.70 -4.09
C GLU C 64 3.91 2.01 -2.67
N LYS C 65 4.84 1.20 -2.16
CA LYS C 65 5.37 1.36 -0.82
C LYS C 65 6.20 2.63 -0.68
N PHE C 66 6.99 2.95 -1.72
CA PHE C 66 7.83 4.15 -1.67
C PHE C 66 7.09 5.45 -1.37
N PRO C 67 6.04 5.79 -2.16
CA PRO C 67 5.30 7.02 -1.91
C PRO C 67 4.65 7.06 -0.52
N GLN C 68 4.23 5.90 -0.02
CA GLN C 68 3.61 5.81 1.30
C GLN C 68 4.61 5.99 2.45
N VAL C 69 5.83 5.44 2.30
CA VAL C 69 6.82 5.45 3.38
C VAL C 69 7.73 6.70 3.41
N ALA C 70 7.91 7.33 2.25
CA ALA C 70 8.94 8.38 2.08
C ALA C 70 8.87 9.54 3.10
N ALA C 71 7.67 9.99 3.43
CA ALA C 71 7.49 11.10 4.38
C ALA C 71 8.01 10.78 5.79
N THR C 72 8.03 9.50 6.16
CA THR C 72 8.49 9.07 7.49
C THR C 72 9.98 9.28 7.70
N GLY C 73 10.73 9.35 6.61
CA GLY C 73 12.19 9.41 6.69
C GLY C 73 12.82 8.04 6.70
N ASP C 74 12.00 6.99 6.55
CA ASP C 74 12.49 5.63 6.42
C ASP C 74 12.28 5.18 4.96
N GLY C 75 12.75 3.99 4.62
CA GLY C 75 12.68 3.51 3.25
C GLY C 75 14.06 3.49 2.62
N PRO C 76 14.13 3.48 1.28
CA PRO C 76 15.43 3.38 0.62
C PRO C 76 16.08 4.76 0.43
N ASP C 77 17.40 4.79 0.37
CA ASP C 77 18.11 6.00 -0.05
C ASP C 77 17.90 6.23 -1.55
N ILE C 78 17.87 5.13 -2.29
CA ILE C 78 17.75 5.13 -3.76
C ILE C 78 16.63 4.20 -4.20
N ILE C 79 15.77 4.69 -5.09
CA ILE C 79 14.73 3.89 -5.72
C ILE C 79 14.91 3.84 -7.23
N PHE C 80 14.88 2.63 -7.78
CA PHE C 80 14.93 2.40 -9.22
C PHE C 80 13.53 2.05 -9.69
N TRP C 81 13.03 2.78 -10.68
CA TRP C 81 11.76 2.46 -11.33
C TRP C 81 11.67 3.15 -12.69
N ALA C 82 10.70 2.75 -13.50
CA ALA C 82 10.35 3.47 -14.71
C ALA C 82 10.11 4.95 -14.40
N HIS C 83 10.62 5.83 -15.26
CA HIS C 83 10.59 7.28 -15.02
C HIS C 83 9.18 7.83 -14.80
N ASP C 84 8.19 7.19 -15.41
CA ASP C 84 6.88 7.83 -15.46
C ASP C 84 6.19 7.92 -14.09
N ARG C 85 6.54 7.01 -13.17
CA ARG C 85 6.09 7.10 -11.77
C ARG C 85 6.76 8.22 -10.97
N PHE C 86 7.94 8.66 -11.42
CA PHE C 86 8.72 9.67 -10.70
C PHE C 86 8.09 11.07 -10.75
N GLY C 87 7.26 11.32 -11.75
CA GLY C 87 6.47 12.56 -11.83
C GLY C 87 5.65 12.75 -10.56
N GLY C 88 4.91 11.71 -10.19
CA GLY C 88 4.06 11.73 -8.98
C GLY C 88 4.86 11.85 -7.69
N TYR C 89 6.00 11.16 -7.63
CA TYR C 89 6.88 11.25 -6.48
C TYR C 89 7.43 12.67 -6.35
N ALA C 90 7.79 13.27 -7.50
CA ALA C 90 8.36 14.63 -7.50
C ALA C 90 7.33 15.67 -7.09
N GLN C 91 6.10 15.51 -7.60
CA GLN C 91 4.96 16.37 -7.21
C GLN C 91 4.76 16.37 -5.69
N SER C 92 4.86 15.18 -5.09
CA SER C 92 4.76 15.03 -3.64
C SER C 92 6.05 15.43 -2.89
N GLY C 93 7.06 15.87 -3.64
CA GLY C 93 8.34 16.31 -3.06
C GLY C 93 9.17 15.21 -2.40
N LEU C 94 9.07 13.99 -2.91
CA LEU C 94 9.73 12.84 -2.28
C LEU C 94 11.13 12.56 -2.82
N LEU C 95 11.48 13.21 -3.92
CA LEU C 95 12.77 12.99 -4.59
C LEU C 95 13.67 14.21 -4.51
N ALA C 96 14.93 13.97 -4.16
CA ALA C 96 15.94 15.03 -4.13
C ALA C 96 16.30 15.48 -5.54
N GLU C 97 16.53 16.78 -5.70
CA GLU C 97 17.05 17.30 -6.95
C GLU C 97 18.50 16.85 -7.06
N ILE C 98 18.83 16.19 -8.17
CA ILE C 98 20.17 15.68 -8.37
C ILE C 98 21.06 16.74 -9.00
N THR C 99 22.37 16.57 -8.81
CA THR C 99 23.33 17.62 -9.16
C THR C 99 24.47 17.18 -10.10
N PRO C 100 24.18 16.33 -11.11
CA PRO C 100 25.27 15.96 -12.01
C PRO C 100 25.79 17.20 -12.73
N ASP C 101 27.10 17.32 -12.87
CA ASP C 101 27.64 18.48 -13.58
C ASP C 101 27.45 18.34 -15.09
N LYS C 102 27.73 19.42 -15.81
CA LYS C 102 27.52 19.47 -17.25
C LYS C 102 28.27 18.36 -17.98
N ALA C 103 29.49 18.10 -17.55
CA ALA C 103 30.32 17.06 -18.14
C ALA C 103 29.74 15.66 -17.90
N PHE C 104 29.19 15.43 -16.71
CA PHE C 104 28.54 14.14 -16.45
C PHE C 104 27.30 14.00 -17.31
N GLN C 105 26.51 15.05 -17.42
CA GLN C 105 25.29 15.00 -18.21
C GLN C 105 25.58 14.66 -19.67
N ASP C 106 26.73 15.11 -20.16
CA ASP C 106 27.18 14.82 -21.52
C ASP C 106 27.48 13.33 -21.78
N LYS C 107 27.64 12.54 -20.70
CA LYS C 107 27.92 11.10 -20.82
C LYS C 107 26.66 10.25 -21.09
N LEU C 108 25.49 10.87 -20.93
CA LEU C 108 24.21 10.21 -21.22
C LEU C 108 23.48 10.88 -22.39
N TYR C 109 22.68 10.11 -23.11
CA TYR C 109 21.90 10.66 -24.23
C TYR C 109 21.00 11.81 -23.75
N PRO C 110 21.04 12.96 -24.47
CA PRO C 110 20.29 14.15 -24.05
C PRO C 110 18.80 13.89 -23.77
N PHE C 111 18.14 13.09 -24.61
CA PHE C 111 16.70 12.86 -24.46
C PHE C 111 16.33 12.12 -23.17
N THR C 112 17.27 11.32 -22.65
CA THR C 112 17.01 10.58 -21.41
C THR C 112 16.87 11.51 -20.20
N TRP C 113 17.64 12.61 -20.18
CA TRP C 113 17.53 13.57 -19.09
C TRP C 113 16.14 14.20 -19.00
N ASP C 114 15.46 14.34 -20.14
CA ASP C 114 14.10 14.88 -20.19
C ASP C 114 13.07 13.99 -19.51
N ALA C 115 13.32 12.68 -19.54
CA ALA C 115 12.45 11.71 -18.88
C ALA C 115 12.49 11.87 -17.36
N VAL C 116 13.54 12.51 -16.87
CA VAL C 116 13.75 12.61 -15.41
C VAL C 116 13.73 14.06 -14.93
N ARG C 117 12.98 14.88 -15.65
CA ARG C 117 12.79 16.27 -15.30
C ARG C 117 11.36 16.48 -14.83
N TYR C 118 11.20 17.20 -13.73
CA TYR C 118 9.88 17.59 -13.25
C TYR C 118 9.97 18.98 -12.67
N ASN C 119 9.08 19.85 -13.13
CA ASN C 119 9.02 21.24 -12.68
C ASN C 119 10.40 21.93 -12.70
N GLY C 120 11.12 21.75 -13.81
CA GLY C 120 12.42 22.39 -14.01
C GLY C 120 13.62 21.77 -13.31
N LYS C 121 13.41 20.68 -12.57
CA LYS C 121 14.48 20.04 -11.80
C LYS C 121 14.78 18.64 -12.31
N LEU C 122 16.05 18.25 -12.32
CA LEU C 122 16.44 16.86 -12.52
C LEU C 122 16.17 16.10 -11.22
N ILE C 123 15.37 15.04 -11.30
CA ILE C 123 14.95 14.30 -10.11
C ILE C 123 15.35 12.82 -10.09
N ALA C 124 16.17 12.40 -11.04
CA ALA C 124 16.61 11.02 -11.10
C ALA C 124 17.69 10.84 -12.16
N TYR C 125 18.48 9.79 -12.03
CA TYR C 125 19.49 9.44 -13.04
C TYR C 125 18.92 8.41 -14.00
N PRO C 126 18.95 8.70 -15.32
CA PRO C 126 18.52 7.69 -16.29
C PRO C 126 19.47 6.49 -16.31
N ILE C 127 18.91 5.28 -16.33
CA ILE C 127 19.72 4.05 -16.37
C ILE C 127 19.54 3.28 -17.70
N ALA C 128 18.31 2.87 -18.00
CA ALA C 128 18.02 2.09 -19.20
C ALA C 128 16.91 2.73 -20.03
N VAL C 129 16.77 2.27 -21.28
CA VAL C 129 15.85 2.84 -22.24
C VAL C 129 15.12 1.71 -22.96
N GLU C 130 13.79 1.77 -22.95
CA GLU C 130 13.00 0.68 -23.50
C GLU C 130 11.93 1.22 -24.44
N ALA C 131 11.79 0.57 -25.60
CA ALA C 131 10.74 0.91 -26.56
C ALA C 131 10.45 -0.29 -27.45
N LEU C 132 9.26 -0.30 -28.05
CA LEU C 132 8.89 -1.31 -29.05
C LEU C 132 9.77 -1.25 -30.29
N SER C 133 9.99 -2.41 -30.90
CA SER C 133 10.61 -2.50 -32.22
C SER C 133 9.81 -3.44 -33.12
N LEU C 134 10.17 -3.42 -34.40
CA LEU C 134 9.69 -4.39 -35.35
C LEU C 134 10.53 -5.66 -35.25
N ILE C 135 9.85 -6.78 -35.03
CA ILE C 135 10.51 -8.07 -34.94
C ILE C 135 10.09 -8.88 -36.16
N TYR C 136 11.06 -9.50 -36.83
CA TYR C 136 10.77 -10.19 -38.08
C TYR C 136 11.45 -11.55 -38.21
N ASN C 137 10.79 -12.43 -38.96
CA ASN C 137 11.29 -13.78 -39.20
C ASN C 137 12.20 -13.75 -40.44
N LYS C 138 13.50 -13.98 -40.22
CA LYS C 138 14.50 -13.87 -41.28
C LYS C 138 14.32 -14.89 -42.41
N ASP C 139 13.70 -16.02 -42.10
CA ASP C 139 13.49 -17.08 -43.09
C ASP C 139 12.29 -16.76 -43.99
N LEU C 140 11.23 -16.20 -43.40
CA LEU C 140 10.06 -15.80 -44.17
C LEU C 140 10.27 -14.48 -44.88
N LEU C 141 11.10 -13.62 -44.29
CA LEU C 141 11.22 -12.23 -44.69
C LEU C 141 12.62 -11.66 -44.40
N PRO C 142 13.60 -11.97 -45.29
CA PRO C 142 14.96 -11.51 -45.04
C PRO C 142 15.12 -9.99 -45.08
N ASN C 143 14.28 -9.31 -45.85
CA ASN C 143 14.32 -7.84 -45.92
C ASN C 143 12.97 -7.24 -45.54
N PRO C 144 12.78 -6.92 -44.25
CA PRO C 144 11.49 -6.44 -43.80
C PRO C 144 11.16 -5.06 -44.39
N PRO C 145 9.86 -4.72 -44.52
CA PRO C 145 9.41 -3.45 -45.10
C PRO C 145 9.79 -2.24 -44.25
N LYS C 146 10.19 -1.16 -44.94
CA LYS C 146 10.51 0.10 -44.29
C LYS C 146 9.26 0.92 -44.01
N THR C 147 8.16 0.62 -44.72
CA THR C 147 6.93 1.39 -44.59
C THR C 147 5.75 0.49 -44.23
N TRP C 148 4.79 1.07 -43.50
CA TRP C 148 3.49 0.45 -43.24
C TRP C 148 2.73 0.20 -44.54
N GLU C 149 2.87 1.15 -45.47
CA GLU C 149 2.21 1.07 -46.78
C GLU C 149 2.49 -0.20 -47.58
N GLU C 150 3.65 -0.82 -47.33
CA GLU C 150 4.08 -2.04 -48.02
C GLU C 150 3.46 -3.32 -47.47
N ILE C 151 2.84 -3.22 -46.29
CA ILE C 151 2.31 -4.43 -45.61
C ILE C 151 1.18 -5.18 -46.36
N PRO C 152 0.18 -4.46 -46.91
CA PRO C 152 -0.86 -5.17 -47.66
C PRO C 152 -0.32 -6.07 -48.77
N ALA C 153 0.59 -5.55 -49.61
CA ALA C 153 1.16 -6.36 -50.71
C ALA C 153 1.96 -7.54 -50.18
N LEU C 154 2.71 -7.31 -49.11
CA LEU C 154 3.47 -8.37 -48.46
C LEU C 154 2.55 -9.45 -47.90
N ASP C 155 1.44 -9.04 -47.28
CA ASP C 155 0.50 -10.00 -46.73
C ASP C 155 -0.12 -10.87 -47.83
N LYS C 156 -0.41 -10.26 -48.97
CA LYS C 156 -0.97 -11.00 -50.11
C LYS C 156 -0.05 -12.12 -50.56
N GLU C 157 1.25 -11.81 -50.64
CA GLU C 157 2.26 -12.82 -50.97
C GLU C 157 2.31 -13.92 -49.92
N LEU C 158 2.34 -13.52 -48.64
CA LEU C 158 2.48 -14.49 -47.56
C LEU C 158 1.26 -15.37 -47.34
N LYS C 159 0.06 -14.78 -47.47
CA LYS C 159 -1.17 -15.56 -47.31
C LYS C 159 -1.27 -16.69 -48.34
N ALA C 160 -0.80 -16.43 -49.56
CA ALA C 160 -0.77 -17.48 -50.60
C ALA C 160 0.09 -18.66 -50.15
N LYS C 161 1.13 -18.36 -49.36
CA LYS C 161 2.06 -19.37 -48.84
C LYS C 161 1.60 -19.98 -47.51
N GLY C 162 0.44 -19.55 -47.03
CA GLY C 162 -0.13 -20.06 -45.79
C GLY C 162 0.45 -19.40 -44.55
N LYS C 163 0.98 -18.19 -44.72
CA LYS C 163 1.52 -17.41 -43.61
C LYS C 163 0.81 -16.05 -43.56
N SER C 164 1.25 -15.16 -42.67
CA SER C 164 0.76 -13.78 -42.66
C SER C 164 1.93 -12.83 -42.52
N ALA C 165 1.74 -11.57 -42.92
CA ALA C 165 2.80 -10.56 -42.84
C ALA C 165 3.05 -10.12 -41.41
N LEU C 166 1.97 -9.80 -40.69
CA LEU C 166 2.09 -9.10 -39.42
C LEU C 166 1.00 -9.44 -38.41
N MET C 167 1.43 -9.82 -37.22
CA MET C 167 0.51 -10.03 -36.10
C MET C 167 1.11 -9.40 -34.87
N PHE C 168 0.38 -8.46 -34.28
CA PHE C 168 0.75 -7.86 -33.01
C PHE C 168 -0.49 -7.51 -32.21
N ASN C 169 -0.29 -7.23 -30.92
CA ASN C 169 -1.38 -6.95 -29.99
C ASN C 169 -2.18 -5.71 -30.37
N LEU C 170 -3.43 -5.92 -30.77
CA LEU C 170 -4.32 -4.81 -31.11
C LEU C 170 -5.25 -4.41 -29.97
N GLN C 171 -5.14 -5.10 -28.83
CA GLN C 171 -6.05 -4.84 -27.69
C GLN C 171 -5.56 -3.74 -26.77
N GLU C 172 -4.24 -3.61 -26.66
CA GLU C 172 -3.61 -2.64 -25.78
CA GLU C 172 -3.63 -2.63 -25.78
C GLU C 172 -3.04 -1.49 -26.61
N PRO C 173 -3.54 -0.26 -26.37
CA PRO C 173 -3.10 0.90 -27.17
C PRO C 173 -1.61 1.20 -27.13
N TYR C 174 -0.91 0.70 -26.10
CA TYR C 174 0.55 0.84 -26.06
C TYR C 174 1.20 0.31 -27.36
N PHE C 175 0.60 -0.74 -27.94
CA PHE C 175 1.14 -1.40 -29.13
C PHE C 175 0.68 -0.75 -30.43
N THR C 176 -0.50 -0.14 -30.43
CA THR C 176 -1.05 0.47 -31.65
C THR C 176 -0.72 1.95 -31.77
N TRP C 177 -0.47 2.60 -30.64
CA TRP C 177 -0.12 4.02 -30.60
C TRP C 177 1.06 4.45 -31.48
N PRO C 178 2.10 3.59 -31.64
CA PRO C 178 3.21 4.07 -32.48
C PRO C 178 2.77 4.46 -33.89
N LEU C 179 1.80 3.73 -34.44
CA LEU C 179 1.26 4.05 -35.78
C LEU C 179 0.35 5.28 -35.72
N ILE C 180 -0.50 5.33 -34.71
CA ILE C 180 -1.44 6.44 -34.53
C ILE C 180 -0.69 7.77 -34.34
N ALA C 181 0.44 7.74 -33.66
CA ALA C 181 1.23 8.94 -33.40
C ALA C 181 2.01 9.45 -34.61
N ALA C 182 2.31 8.55 -35.54
CA ALA C 182 3.29 8.84 -36.61
C ALA C 182 3.00 10.13 -37.36
N ASP C 183 1.76 10.27 -37.82
CA ASP C 183 1.38 11.39 -38.67
C ASP C 183 0.82 12.59 -37.86
N GLY C 184 0.84 12.49 -36.53
CA GLY C 184 0.49 13.66 -35.71
C GLY C 184 -0.23 13.45 -34.40
N GLY C 185 -0.64 12.22 -34.10
CA GLY C 185 -1.29 11.92 -32.82
C GLY C 185 -0.34 12.17 -31.66
N TYR C 186 -0.88 12.62 -30.54
CA TYR C 186 -0.12 12.73 -29.27
C TYR C 186 -1.05 12.65 -28.08
N ALA C 187 -0.50 12.30 -26.92
CA ALA C 187 -1.26 12.22 -25.69
C ALA C 187 -1.53 13.61 -25.12
N PHE C 188 -0.46 14.28 -24.69
CA PHE C 188 -0.54 15.63 -24.13
C PHE C 188 0.59 16.47 -24.68
N LYS C 189 0.27 17.72 -25.00
CA LYS C 189 1.29 18.66 -25.46
C LYS C 189 2.20 19.06 -24.30
N TYR C 190 3.50 18.97 -24.52
CA TYR C 190 4.49 19.33 -23.50
C TYR C 190 5.05 20.70 -23.85
N GLU C 191 4.91 21.62 -22.91
CA GLU C 191 5.42 22.98 -23.07
C GLU C 191 5.88 23.54 -21.73
N ASN C 192 7.06 24.13 -21.74
CA ASN C 192 7.61 24.81 -20.56
C ASN C 192 7.73 23.90 -19.32
N GLY C 193 8.30 22.72 -19.53
CA GLY C 193 8.55 21.76 -18.45
C GLY C 193 7.30 21.09 -17.91
N LYS C 194 6.21 21.16 -18.68
CA LYS C 194 4.89 20.74 -18.19
C LYS C 194 3.97 20.24 -19.30
N TYR C 195 3.29 19.13 -19.05
CA TYR C 195 2.26 18.63 -19.97
C TYR C 195 0.98 19.41 -19.76
N ASP C 196 0.39 19.85 -20.88
CA ASP C 196 -0.87 20.55 -20.85
C ASP C 196 -2.02 19.55 -20.91
N ILE C 197 -2.69 19.34 -19.79
CA ILE C 197 -3.75 18.33 -19.70
C ILE C 197 -5.00 18.73 -20.48
N LYS C 198 -5.02 19.94 -21.02
CA LYS C 198 -6.13 20.40 -21.85
C LYS C 198 -5.83 20.34 -23.35
N ASP C 199 -4.59 20.00 -23.69
CA ASP C 199 -4.19 19.91 -25.09
C ASP C 199 -3.87 18.45 -25.45
N VAL C 200 -4.88 17.74 -25.93
CA VAL C 200 -4.82 16.30 -26.19
C VAL C 200 -4.87 16.07 -27.71
N GLY C 201 -4.07 15.13 -28.21
CA GLY C 201 -3.95 14.92 -29.66
C GLY C 201 -4.51 13.59 -30.14
N VAL C 202 -5.72 13.26 -29.70
CA VAL C 202 -6.31 11.94 -29.97
C VAL C 202 -7.23 11.92 -31.20
N ASP C 203 -7.96 13.02 -31.42
CA ASP C 203 -8.81 13.11 -32.60
C ASP C 203 -8.33 14.10 -33.67
N ASN C 204 -7.04 14.39 -33.69
CA ASN C 204 -6.51 15.24 -34.76
C ASN C 204 -6.34 14.47 -36.06
N ALA C 205 -6.00 15.17 -37.14
CA ALA C 205 -5.89 14.55 -38.47
C ALA C 205 -4.87 13.40 -38.52
N GLY C 206 -3.75 13.58 -37.82
CA GLY C 206 -2.67 12.58 -37.80
C GLY C 206 -3.08 11.27 -37.15
N ALA C 207 -3.75 11.38 -36.00
CA ALA C 207 -4.28 10.21 -35.28
C ALA C 207 -5.32 9.51 -36.13
N LYS C 208 -6.21 10.30 -36.74
CA LYS C 208 -7.21 9.73 -37.63
C LYS C 208 -6.57 8.98 -38.81
N ALA C 209 -5.53 9.54 -39.41
CA ALA C 209 -4.86 8.90 -40.56
C ALA C 209 -4.24 7.56 -40.13
N GLY C 210 -3.56 7.57 -38.99
CA GLY C 210 -2.91 6.36 -38.46
C GLY C 210 -3.90 5.26 -38.12
N LEU C 211 -4.96 5.60 -37.38
CA LEU C 211 -5.97 4.59 -37.01
C LEU C 211 -6.76 4.10 -38.22
N THR C 212 -7.04 5.01 -39.16
CA THR C 212 -7.68 4.60 -40.40
C THR C 212 -6.85 3.56 -41.13
N PHE C 213 -5.54 3.75 -41.18
CA PHE C 213 -4.68 2.77 -41.84
C PHE C 213 -4.77 1.42 -41.10
N LEU C 214 -4.74 1.47 -39.77
CA LEU C 214 -4.86 0.25 -38.96
C LEU C 214 -6.16 -0.47 -39.27
N VAL C 215 -7.27 0.29 -39.29
CA VAL C 215 -8.60 -0.28 -39.50
C VAL C 215 -8.74 -0.85 -40.92
N ASP C 216 -8.15 -0.17 -41.90
CA ASP C 216 -8.13 -0.66 -43.30
C ASP C 216 -7.40 -2.00 -43.44
N LEU C 217 -6.28 -2.17 -42.72
CA LEU C 217 -5.59 -3.46 -42.69
C LEU C 217 -6.53 -4.55 -42.22
N ILE C 218 -7.34 -4.24 -41.22
CA ILE C 218 -8.29 -5.20 -40.65
C ILE C 218 -9.42 -5.50 -41.64
N LYS C 219 -10.00 -4.43 -42.21
CA LYS C 219 -11.07 -4.56 -43.20
C LYS C 219 -10.64 -5.38 -44.41
N ASN C 220 -9.39 -5.21 -44.82
CA ASN C 220 -8.82 -5.94 -45.95
C ASN C 220 -8.27 -7.32 -45.57
N LYS C 221 -8.50 -7.69 -44.31
CA LYS C 221 -8.15 -9.00 -43.75
C LYS C 221 -6.64 -9.28 -43.73
N HIS C 222 -5.86 -8.20 -43.60
CA HIS C 222 -4.42 -8.32 -43.38
C HIS C 222 -4.10 -8.45 -41.89
N MET C 223 -5.05 -8.05 -41.06
CA MET C 223 -4.99 -8.30 -39.62
C MET C 223 -6.38 -8.63 -39.11
N ASN C 224 -6.44 -9.18 -37.90
CA ASN C 224 -7.69 -9.59 -37.27
C ASN C 224 -7.88 -8.79 -35.99
N ALA C 225 -9.05 -8.19 -35.82
CA ALA C 225 -9.32 -7.29 -34.67
C ALA C 225 -9.16 -7.97 -33.30
N ASP C 226 -9.35 -9.29 -33.25
CA ASP C 226 -9.26 -10.07 -32.00
C ASP C 226 -7.83 -10.39 -31.56
N THR C 227 -6.85 -10.16 -32.43
CA THR C 227 -5.45 -10.48 -32.09
C THR C 227 -4.97 -9.74 -30.84
N ASP C 228 -4.52 -10.51 -29.85
CA ASP C 228 -4.03 -9.92 -28.60
C ASP C 228 -2.58 -10.34 -28.33
N TYR C 229 -2.06 -10.04 -27.14
CA TYR C 229 -0.65 -10.29 -26.88
C TYR C 229 -0.27 -11.76 -27.10
N SER C 230 -1.07 -12.67 -26.53
CA SER C 230 -0.73 -14.09 -26.61
C SER C 230 -0.91 -14.66 -28.01
N ILE C 231 -1.99 -14.29 -28.70
CA ILE C 231 -2.20 -14.75 -30.07
C ILE C 231 -0.99 -14.36 -30.96
N ALA C 232 -0.56 -13.10 -30.87
CA ALA C 232 0.56 -12.63 -31.69
C ALA C 232 1.89 -13.30 -31.31
N GLU C 233 2.14 -13.44 -30.01
CA GLU C 233 3.38 -14.07 -29.54
C GLU C 233 3.48 -15.52 -29.99
N ALA C 234 2.39 -16.27 -29.81
CA ALA C 234 2.33 -17.64 -30.31
C ALA C 234 2.53 -17.73 -31.82
N ALA C 235 1.85 -16.88 -32.58
CA ALA C 235 1.97 -16.92 -34.05
C ALA C 235 3.39 -16.65 -34.52
N PHE C 236 4.02 -15.62 -33.96
CA PHE C 236 5.39 -15.33 -34.34
C PHE C 236 6.35 -16.43 -33.91
N ASN C 237 6.20 -16.90 -32.68
CA ASN C 237 7.19 -17.82 -32.14
C ASN C 237 7.02 -19.25 -32.70
N LYS C 238 5.87 -19.48 -33.34
CA LYS C 238 5.60 -20.71 -34.09
C LYS C 238 5.90 -20.61 -35.59
N GLY C 239 6.42 -19.46 -36.01
CA GLY C 239 6.81 -19.22 -37.40
C GLY C 239 5.64 -19.04 -38.36
N GLU C 240 4.50 -18.60 -37.84
CA GLU C 240 3.28 -18.48 -38.65
C GLU C 240 3.10 -17.10 -39.27
N THR C 241 3.75 -16.10 -38.69
CA THR C 241 3.66 -14.73 -39.20
C THR C 241 5.07 -14.19 -39.36
N ALA C 242 5.28 -13.34 -40.37
CA ALA C 242 6.61 -12.83 -40.71
C ALA C 242 7.12 -11.75 -39.78
N MET C 243 6.18 -11.05 -39.11
CA MET C 243 6.52 -9.89 -38.28
C MET C 243 5.63 -9.81 -37.06
N THR C 244 6.18 -9.23 -36.00
CA THR C 244 5.39 -8.81 -34.85
C THR C 244 5.96 -7.48 -34.33
N ILE C 245 5.28 -6.87 -33.37
CA ILE C 245 5.78 -5.64 -32.76
C ILE C 245 5.80 -5.92 -31.26
N ASN C 246 6.98 -5.81 -30.67
CA ASN C 246 7.11 -6.10 -29.26
C ASN C 246 8.39 -5.51 -28.71
N GLY C 247 8.58 -5.65 -27.40
CA GLY C 247 9.72 -5.06 -26.72
C GLY C 247 10.75 -6.10 -26.29
N PRO C 248 11.85 -5.63 -25.64
CA PRO C 248 12.93 -6.53 -25.26
C PRO C 248 12.56 -7.63 -24.26
N TRP C 249 11.46 -7.43 -23.52
CA TRP C 249 10.91 -8.44 -22.59
C TRP C 249 10.45 -9.71 -23.32
N ALA C 250 10.21 -9.59 -24.63
CA ALA C 250 9.72 -10.72 -25.42
C ALA C 250 10.82 -11.58 -26.03
N TRP C 251 12.06 -11.08 -26.00
CA TRP C 251 13.14 -11.72 -26.77
C TRP C 251 13.50 -13.11 -26.28
N SER C 252 13.51 -13.31 -24.97
CA SER C 252 13.93 -14.61 -24.41
C SER C 252 13.02 -15.75 -24.87
N ASN C 253 11.71 -15.50 -24.97
CA ASN C 253 10.77 -16.47 -25.54
C ASN C 253 11.06 -16.79 -27.00
N ILE C 254 11.38 -15.76 -27.80
CA ILE C 254 11.76 -16.00 -29.19
C ILE C 254 13.06 -16.80 -29.29
N ASP C 255 14.03 -16.48 -28.42
CA ASP C 255 15.27 -17.26 -28.36
C ASP C 255 14.98 -18.75 -28.17
N THR C 256 14.11 -19.06 -27.20
CA THR C 256 13.72 -20.44 -26.91
C THR C 256 13.04 -21.13 -28.11
N SER C 257 12.24 -20.37 -28.86
CA SER C 257 11.52 -20.89 -30.04
C SER C 257 12.43 -21.32 -31.18
N LYS C 258 13.65 -20.81 -31.17
CA LYS C 258 14.64 -21.06 -32.22
C LYS C 258 14.27 -20.46 -33.58
N VAL C 259 13.21 -19.66 -33.63
CA VAL C 259 12.91 -18.89 -34.85
C VAL C 259 14.10 -17.99 -35.14
N ASN C 260 14.55 -17.99 -36.39
CA ASN C 260 15.62 -17.09 -36.83
CA ASN C 260 15.62 -17.10 -36.85
C ASN C 260 15.03 -15.69 -37.04
N TYR C 261 15.33 -14.81 -36.10
CA TYR C 261 14.69 -13.50 -36.09
C TYR C 261 15.64 -12.32 -36.06
N GLY C 262 15.11 -11.17 -36.44
CA GLY C 262 15.82 -9.90 -36.31
C GLY C 262 14.91 -8.88 -35.66
N VAL C 263 15.52 -7.78 -35.20
CA VAL C 263 14.79 -6.70 -34.56
C VAL C 263 15.26 -5.41 -35.24
N THR C 264 14.31 -4.60 -35.70
CA THR C 264 14.68 -3.45 -36.52
C THR C 264 13.81 -2.23 -36.26
N VAL C 265 14.12 -1.14 -36.95
CA VAL C 265 13.32 0.09 -36.90
C VAL C 265 11.88 -0.22 -37.33
N LEU C 266 10.92 0.38 -36.63
CA LEU C 266 9.51 0.24 -36.96
C LEU C 266 9.26 0.85 -38.35
N PRO C 267 8.25 0.33 -39.06
CA PRO C 267 7.95 0.91 -40.38
C PRO C 267 7.51 2.36 -40.27
N THR C 268 7.81 3.16 -41.29
CA THR C 268 7.33 4.54 -41.34
C THR C 268 5.88 4.55 -41.83
N PHE C 269 5.16 5.61 -41.52
CA PHE C 269 3.82 5.82 -42.05
C PHE C 269 3.78 7.22 -42.63
N LYS C 270 3.30 7.35 -43.86
CA LYS C 270 3.33 8.63 -44.57
C LYS C 270 4.72 9.30 -44.50
N GLY C 271 5.77 8.49 -44.65
CA GLY C 271 7.16 8.93 -44.63
C GLY C 271 7.74 9.32 -43.29
N GLN C 272 6.96 9.14 -42.23
CA GLN C 272 7.33 9.57 -40.88
C GLN C 272 7.50 8.35 -39.97
N PRO C 273 8.43 8.40 -39.01
CA PRO C 273 8.64 7.21 -38.16
C PRO C 273 7.44 6.89 -37.28
N SER C 274 7.20 5.60 -37.05
CA SER C 274 6.31 5.19 -35.96
C SER C 274 6.96 5.67 -34.68
N LYS C 275 6.13 6.16 -33.77
CA LYS C 275 6.63 6.76 -32.52
C LYS C 275 6.17 6.00 -31.25
N PRO C 276 6.98 5.01 -30.83
CA PRO C 276 6.61 4.27 -29.64
C PRO C 276 6.87 5.09 -28.39
N PHE C 277 6.15 4.79 -27.32
CA PHE C 277 6.44 5.41 -26.04
C PHE C 277 7.70 4.84 -25.45
N VAL C 278 8.48 5.71 -24.82
CA VAL C 278 9.77 5.32 -24.25
C VAL C 278 9.68 5.28 -22.74
N GLY C 279 10.13 4.18 -22.15
CA GLY C 279 10.25 4.03 -20.70
C GLY C 279 11.72 4.07 -20.32
N VAL C 280 12.04 4.92 -19.35
CA VAL C 280 13.42 5.08 -18.90
C VAL C 280 13.55 4.60 -17.46
N LEU C 281 14.19 3.46 -17.27
CA LEU C 281 14.47 2.98 -15.91
C LEU C 281 15.39 4.00 -15.27
N SER C 282 14.99 4.50 -14.11
CA SER C 282 15.66 5.65 -13.51
C SER C 282 15.96 5.42 -12.03
N ALA C 283 17.00 6.07 -11.53
CA ALA C 283 17.38 5.94 -10.13
C ALA C 283 17.17 7.27 -9.45
N GLY C 284 16.22 7.33 -8.52
CA GLY C 284 15.97 8.55 -7.77
C GLY C 284 16.52 8.48 -6.36
N ILE C 285 16.90 9.63 -5.82
CA ILE C 285 17.39 9.74 -4.44
C ILE C 285 16.27 10.26 -3.54
N ASN C 286 16.01 9.54 -2.45
CA ASN C 286 14.98 9.89 -1.47
C ASN C 286 15.29 11.27 -0.87
N ALA C 287 14.33 12.19 -0.93
CA ALA C 287 14.50 13.54 -0.38
C ALA C 287 14.78 13.55 1.12
N ALA C 288 14.41 12.46 1.80
CA ALA C 288 14.63 12.33 3.25
C ALA C 288 15.94 11.60 3.61
N SER C 289 16.70 11.17 2.61
CA SER C 289 17.96 10.47 2.84
C SER C 289 19.02 11.39 3.46
N PRO C 290 19.69 10.94 4.52
CA PRO C 290 20.83 11.63 5.10
C PRO C 290 22.13 11.29 4.36
N ASN C 291 22.01 10.49 3.30
CA ASN C 291 23.16 9.98 2.55
C ASN C 291 23.16 10.41 1.09
N LYS C 292 22.66 11.62 0.81
CA LYS C 292 22.50 12.09 -0.57
C LYS C 292 23.83 12.17 -1.33
N GLU C 293 24.90 12.57 -0.63
CA GLU C 293 26.22 12.66 -1.27
C GLU C 293 26.83 11.28 -1.55
N LEU C 294 26.60 10.33 -0.65
CA LEU C 294 27.04 8.96 -0.87
C LEU C 294 26.27 8.33 -2.04
N ALA C 295 24.97 8.60 -2.10
CA ALA C 295 24.15 8.12 -3.23
C ALA C 295 24.64 8.65 -4.57
N LYS C 296 24.96 9.95 -4.60
CA LYS C 296 25.49 10.59 -5.82
C LYS C 296 26.80 9.93 -6.28
N GLU C 297 27.72 9.73 -5.33
CA GLU C 297 28.99 9.06 -5.60
C GLU C 297 28.77 7.64 -6.15
N PHE C 298 27.90 6.88 -5.48
CA PHE C 298 27.56 5.55 -5.96
C PHE C 298 27.00 5.60 -7.39
N LEU C 299 25.98 6.43 -7.62
CA LEU C 299 25.32 6.42 -8.92
C LEU C 299 26.23 6.90 -10.08
N GLU C 300 26.95 7.99 -9.84
CA GLU C 300 27.74 8.62 -10.90
C GLU C 300 29.05 7.90 -11.18
N ASN C 301 29.72 7.46 -10.12
CA ASN C 301 31.10 6.98 -10.26
C ASN C 301 31.25 5.48 -10.17
N TYR C 302 30.16 4.80 -9.80
CA TYR C 302 30.17 3.34 -9.71
C TYR C 302 29.15 2.69 -10.65
N LEU C 303 27.88 3.06 -10.53
CA LEU C 303 26.86 2.42 -11.38
C LEU C 303 26.90 2.88 -12.83
N LEU C 304 26.88 4.20 -13.05
CA LEU C 304 26.83 4.75 -14.41
C LEU C 304 28.23 4.83 -15.03
N THR C 305 28.87 3.66 -15.09
CA THR C 305 30.16 3.43 -15.71
C THR C 305 30.01 2.15 -16.51
N ASP C 306 30.88 1.91 -17.49
CA ASP C 306 30.82 0.66 -18.24
C ASP C 306 30.86 -0.56 -17.32
N GLU C 307 31.70 -0.49 -16.30
CA GLU C 307 31.87 -1.60 -15.36
C GLU C 307 30.62 -1.84 -14.51
N GLY C 308 30.00 -0.75 -14.08
CA GLY C 308 28.81 -0.81 -13.24
C GLY C 308 27.62 -1.37 -14.00
N LEU C 309 27.38 -0.86 -15.20
CA LEU C 309 26.25 -1.33 -15.99
C LEU C 309 26.45 -2.76 -16.48
N GLU C 310 27.70 -3.13 -16.76
CA GLU C 310 28.00 -4.50 -17.18
CA GLU C 310 27.98 -4.49 -17.19
C GLU C 310 27.60 -5.50 -16.10
N ALA C 311 27.93 -5.18 -14.85
CA ALA C 311 27.63 -6.05 -13.72
C ALA C 311 26.13 -6.31 -13.57
N VAL C 312 25.34 -5.25 -13.75
CA VAL C 312 23.90 -5.37 -13.72
C VAL C 312 23.41 -6.17 -14.94
N ASN C 313 23.92 -5.79 -16.11
CA ASN C 313 23.47 -6.33 -17.39
C ASN C 313 23.73 -7.84 -17.49
N LYS C 314 24.88 -8.28 -16.98
CA LYS C 314 25.21 -9.70 -17.05
C LYS C 314 24.34 -10.57 -16.12
N ASP C 315 23.76 -9.95 -15.09
CA ASP C 315 22.77 -10.62 -14.21
C ASP C 315 21.44 -10.74 -14.94
N LYS C 316 20.87 -9.59 -15.34
CA LYS C 316 19.69 -9.56 -16.22
C LYS C 316 19.85 -8.40 -17.20
N PRO C 317 19.70 -8.65 -18.51
CA PRO C 317 19.99 -7.59 -19.49
C PRO C 317 19.17 -6.33 -19.27
N LEU C 318 19.82 -5.18 -19.39
CA LEU C 318 19.17 -3.90 -19.22
C LEU C 318 18.43 -3.46 -20.49
N GLY C 319 18.74 -4.09 -21.62
CA GLY C 319 18.27 -3.60 -22.92
C GLY C 319 19.21 -2.50 -23.38
N ALA C 320 18.66 -1.46 -24.00
CA ALA C 320 19.45 -0.27 -24.35
C ALA C 320 19.67 0.55 -23.08
N VAL C 321 20.77 1.31 -23.02
CA VAL C 321 21.11 2.09 -21.82
C VAL C 321 21.30 3.58 -22.12
N ALA C 322 21.20 4.40 -21.08
CA ALA C 322 21.30 5.85 -21.23
C ALA C 322 22.75 6.29 -21.35
N LEU C 323 23.68 5.47 -20.83
CA LEU C 323 25.09 5.82 -20.85
C LEU C 323 25.68 5.57 -22.23
N LYS C 324 26.18 6.63 -22.86
CA LYS C 324 26.62 6.55 -24.25
C LYS C 324 27.68 5.46 -24.47
N SER C 325 28.70 5.43 -23.61
CA SER C 325 29.83 4.52 -23.80
C SER C 325 29.38 3.05 -23.78
N TYR C 326 28.54 2.72 -22.80
CA TYR C 326 28.09 1.34 -22.67
C TYR C 326 27.02 1.01 -23.72
N GLU C 327 26.21 1.99 -24.10
CA GLU C 327 25.27 1.77 -25.21
C GLU C 327 26.00 1.40 -26.50
N GLU C 328 27.11 2.10 -26.77
CA GLU C 328 27.87 1.81 -27.97
C GLU C 328 28.42 0.38 -27.93
N GLU C 329 28.86 -0.05 -26.75
CA GLU C 329 29.33 -1.42 -26.56
C GLU C 329 28.22 -2.44 -26.82
N LEU C 330 27.05 -2.21 -26.21
CA LEU C 330 25.91 -3.12 -26.39
C LEU C 330 25.36 -3.12 -27.80
N ALA C 331 25.45 -1.98 -28.49
CA ALA C 331 24.74 -1.76 -29.76
C ALA C 331 25.31 -2.52 -30.96
N LYS C 332 26.41 -3.23 -30.77
CA LYS C 332 26.84 -4.18 -31.80
C LYS C 332 25.81 -5.30 -32.00
N ASP C 333 25.04 -5.59 -30.94
CA ASP C 333 23.80 -6.36 -31.07
C ASP C 333 22.75 -5.48 -31.76
N PRO C 334 22.34 -5.84 -33.00
CA PRO C 334 21.39 -5.01 -33.76
C PRO C 334 20.05 -4.86 -33.05
N ARG C 335 19.69 -5.81 -32.18
CA ARG C 335 18.42 -5.73 -31.41
C ARG C 335 18.44 -4.54 -30.46
N ILE C 336 19.59 -4.31 -29.83
CA ILE C 336 19.78 -3.17 -28.93
C ILE C 336 19.81 -1.87 -29.72
N ALA C 337 20.59 -1.87 -30.80
CA ALA C 337 20.65 -0.71 -31.73
C ALA C 337 19.24 -0.27 -32.17
N ALA C 338 18.40 -1.24 -32.54
CA ALA C 338 17.02 -0.97 -32.97
C ALA C 338 16.19 -0.40 -31.84
N THR C 339 16.35 -0.95 -30.63
CA THR C 339 15.62 -0.45 -29.47
C THR C 339 15.93 1.04 -29.27
N MET C 340 17.21 1.39 -29.32
CA MET C 340 17.61 2.79 -29.12
C MET C 340 17.12 3.65 -30.29
N GLU C 341 17.21 3.13 -31.51
CA GLU C 341 16.77 3.87 -32.69
C GLU C 341 15.29 4.19 -32.60
N ASN C 342 14.49 3.17 -32.30
CA ASN C 342 13.04 3.38 -32.12
C ASN C 342 12.74 4.30 -30.95
N ALA C 343 13.53 4.23 -29.87
CA ALA C 343 13.33 5.12 -28.72
C ALA C 343 13.64 6.57 -29.08
N GLN C 344 14.73 6.80 -29.82
CA GLN C 344 15.11 8.15 -30.24
C GLN C 344 14.07 8.76 -31.19
N LYS C 345 13.38 7.91 -31.96
CA LYS C 345 12.34 8.34 -32.88
C LYS C 345 10.96 8.42 -32.23
N GLY C 346 10.84 7.91 -31.01
CA GLY C 346 9.56 7.93 -30.29
C GLY C 346 9.41 9.12 -29.37
N GLU C 347 8.53 8.98 -28.39
CA GLU C 347 8.28 10.02 -27.39
C GLU C 347 8.38 9.44 -25.99
N ILE C 348 8.95 10.21 -25.08
CA ILE C 348 9.00 9.85 -23.66
C ILE C 348 7.59 9.69 -23.11
N MET C 349 7.35 8.57 -22.40
CA MET C 349 6.07 8.35 -21.73
C MET C 349 5.78 9.53 -20.79
N PRO C 350 4.64 10.21 -20.98
CA PRO C 350 4.32 11.31 -20.06
C PRO C 350 4.22 10.84 -18.61
N ASN C 351 4.75 11.65 -17.69
CA ASN C 351 4.90 11.26 -16.29
C ASN C 351 3.81 11.85 -15.39
N ILE C 352 2.63 12.07 -15.97
CA ILE C 352 1.48 12.63 -15.26
C ILE C 352 0.36 11.60 -15.06
N PRO C 353 -0.45 11.77 -13.99
CA PRO C 353 -1.56 10.86 -13.67
C PRO C 353 -2.65 10.73 -14.74
N GLN C 354 -2.81 11.76 -15.57
CA GLN C 354 -3.86 11.78 -16.60
C GLN C 354 -3.61 10.78 -17.74
N MET C 355 -2.44 10.13 -17.73
CA MET C 355 -2.16 9.07 -18.68
C MET C 355 -3.12 7.89 -18.54
N SER C 356 -3.59 7.62 -17.33
CA SER C 356 -4.57 6.56 -17.14
C SER C 356 -5.91 6.89 -17.82
N ALA C 357 -6.32 8.16 -17.78
CA ALA C 357 -7.48 8.61 -18.55
C ALA C 357 -7.24 8.44 -20.05
N PHE C 358 -6.05 8.84 -20.52
CA PHE C 358 -5.64 8.64 -21.91
C PHE C 358 -5.71 7.15 -22.30
N TRP C 359 -5.04 6.28 -21.55
CA TRP C 359 -5.00 4.87 -21.91
C TRP C 359 -6.39 4.24 -21.96
N TYR C 360 -7.22 4.53 -20.96
CA TYR C 360 -8.57 3.93 -20.90
C TYR C 360 -9.41 4.33 -22.11
N ALA C 361 -9.40 5.63 -22.45
CA ALA C 361 -10.17 6.16 -23.55
C ALA C 361 -9.67 5.64 -24.89
N VAL C 362 -8.36 5.69 -25.10
CA VAL C 362 -7.78 5.25 -26.37
C VAL C 362 -7.98 3.74 -26.56
N ARG C 363 -7.86 2.97 -25.47
CA ARG C 363 -8.13 1.53 -25.52
C ARG C 363 -9.51 1.23 -26.10
N THR C 364 -10.52 1.92 -25.59
CA THR C 364 -11.89 1.78 -26.08
C THR C 364 -12.03 2.20 -27.53
N ALA C 365 -11.44 3.34 -27.89
CA ALA C 365 -11.53 3.84 -29.25
C ALA C 365 -10.96 2.86 -30.26
N VAL C 366 -9.79 2.31 -29.98
CA VAL C 366 -9.13 1.42 -30.94
C VAL C 366 -9.91 0.11 -31.06
N ILE C 367 -10.27 -0.48 -29.93
CA ILE C 367 -11.10 -1.70 -29.94
C ILE C 367 -12.40 -1.46 -30.72
N ASN C 368 -13.09 -0.34 -30.47
CA ASN C 368 -14.35 -0.05 -31.16
C ASN C 368 -14.17 0.14 -32.67
N ALA C 369 -13.12 0.84 -33.08
CA ALA C 369 -12.87 1.09 -34.51
C ALA C 369 -12.47 -0.21 -35.21
N ALA C 370 -11.61 -0.98 -34.56
CA ALA C 370 -11.12 -2.24 -35.11
C ALA C 370 -12.24 -3.27 -35.29
N SER C 371 -13.16 -3.33 -34.32
CA SER C 371 -14.23 -4.33 -34.31
C SER C 371 -15.45 -3.92 -35.16
N GLY C 372 -15.43 -2.69 -35.66
CA GLY C 372 -16.55 -2.16 -36.43
C GLY C 372 -17.73 -1.74 -35.57
N ARG C 373 -17.46 -1.45 -34.30
CA ARG C 373 -18.50 -0.95 -33.40
C ARG C 373 -18.69 0.56 -33.56
N GLN C 374 -17.62 1.26 -33.96
CA GLN C 374 -17.67 2.68 -34.30
C GLN C 374 -16.79 2.98 -35.51
N THR C 375 -17.08 4.06 -36.23
CA THR C 375 -16.16 4.57 -37.24
C THR C 375 -14.92 5.13 -36.54
N VAL C 376 -13.82 5.24 -37.28
CA VAL C 376 -12.57 5.82 -36.74
C VAL C 376 -12.83 7.21 -36.16
N ASP C 377 -13.47 8.07 -36.95
CA ASP C 377 -13.76 9.44 -36.56
C ASP C 377 -14.58 9.53 -35.26
N GLU C 378 -15.63 8.72 -35.16
CA GLU C 378 -16.46 8.71 -33.96
C GLU C 378 -15.70 8.16 -32.76
N ALA C 379 -14.95 7.09 -32.98
CA ALA C 379 -14.19 6.46 -31.89
C ALA C 379 -13.19 7.44 -31.28
N LEU C 380 -12.44 8.13 -32.15
CA LEU C 380 -11.45 9.09 -31.70
C LEU C 380 -12.08 10.36 -31.12
N LYS C 381 -13.14 10.85 -31.74
CA LYS C 381 -13.89 11.99 -31.17
C LYS C 381 -14.33 11.71 -29.73
N ASP C 382 -14.94 10.54 -29.50
CA ASP C 382 -15.43 10.18 -28.17
C ASP C 382 -14.31 10.05 -27.15
N ALA C 383 -13.18 9.49 -27.57
CA ALA C 383 -12.01 9.34 -26.71
C ALA C 383 -11.45 10.70 -26.33
N GLN C 384 -11.30 11.57 -27.33
CA GLN C 384 -10.80 12.93 -27.12
C GLN C 384 -11.66 13.64 -26.09
N THR C 385 -12.98 13.54 -26.28
CA THR C 385 -13.95 14.14 -25.37
C THR C 385 -13.81 13.61 -23.94
N ARG C 386 -13.75 12.28 -23.80
CA ARG C 386 -13.62 11.64 -22.49
C ARG C 386 -12.35 12.05 -21.73
N ILE C 387 -11.24 12.17 -22.45
CA ILE C 387 -9.96 12.59 -21.87
C ILE C 387 -10.06 14.04 -21.38
N THR C 388 -10.69 14.89 -22.19
CA THR C 388 -10.74 16.34 -21.95
C THR C 388 -11.99 16.81 -21.21
N LYS C 389 -12.77 15.87 -20.67
CA LYS C 389 -14.02 16.19 -19.98
C LYS C 389 -13.80 17.11 -18.77
N NO3 D . 3.29 -6.59 -0.50
O1 NO3 D . 4.30 -6.86 0.42
O2 NO3 D . 2.98 -7.49 -1.51
O3 NO3 D . 2.56 -5.39 -0.42
N NO3 E . -25.12 -1.38 35.81
O1 NO3 E . -24.94 -2.10 36.99
O2 NO3 E . -24.24 -1.56 34.74
O3 NO3 E . -26.18 -0.47 35.71
MG MG F . -15.61 -2.40 19.02
N NO3 G . -28.69 -18.67 36.91
O1 NO3 G . -27.92 -17.99 35.98
O2 NO3 G . -28.43 -18.53 38.28
O3 NO3 G . -29.72 -19.51 36.48
N NO3 H . 10.37 -0.91 -13.07
O1 NO3 H . 11.72 -0.60 -12.91
O2 NO3 H . 9.92 -2.19 -12.74
O3 NO3 H . 9.50 0.06 -13.56
N NO3 I . 18.95 -9.33 -34.69
O1 NO3 I . 20.31 -9.65 -34.81
O2 NO3 I . 18.12 -10.22 -33.98
O3 NO3 I . 18.42 -8.17 -35.25
N NO3 J . 3.02 12.40 -26.01
O1 NO3 J . 4.41 12.36 -26.06
O2 NO3 J . 2.26 11.61 -26.90
O3 NO3 J . 2.37 13.21 -25.08
N NO3 K . -5.29 -12.15 -40.89
O1 NO3 K . -3.99 -11.72 -41.16
O2 NO3 K . -5.79 -13.31 -41.47
O3 NO3 K . -6.10 -11.40 -40.03
N NO3 L . 17.63 -7.90 -23.54
O1 NO3 L . 17.83 -6.56 -23.23
O2 NO3 L . 18.67 -8.59 -24.16
O3 NO3 L . 16.40 -8.49 -23.24
N NO3 M . 9.02 -8.94 -10.65
O1 NO3 M . 9.23 -8.47 -9.35
O2 NO3 M . 9.75 -10.04 -11.12
O3 NO3 M . 8.10 -8.30 -11.49
MG MG N . 5.54 14.85 -36.30
MG MG O . 14.92 1.64 7.10
MG MG P . 33.69 1.11 -25.20
MG MG Q . -6.59 -13.64 -25.13
MG MG R . 4.94 -5.16 -8.98
#